data_5DQQ
#
_entry.id   5DQQ
#
_cell.length_a   88.180
_cell.length_b   154.810
_cell.length_c   219.770
_cell.angle_alpha   90.000
_cell.angle_beta   90.000
_cell.angle_gamma   90.000
#
_symmetry.space_group_name_H-M   'C 2 2 21'
#
loop_
_entity.id
_entity.type
_entity.pdbx_description
1 polymer 'Two pore calcium channel protein 1'
2 non-polymer 'CALCIUM ION'
3 non-polymer 'PALMITIC ACID'
4 non-polymer 'trans-Ned 19'
5 water water
#
_entity_poly.entity_id   1
_entity_poly.type   'polypeptide(L)'
_entity_poly.pdbx_seq_one_letter_code
;MGGGGTDRVRRSEAITHGTPFQKAAALVDLAEDGIGLPVEILDQSSFGESARYYFIFTRLDLIWSLNYFALLFLNFFEQP
LWCEKNPKPSCKDRDYYYLGELPYLTNAESIIYEVITLAILLVHTFFPISYEGSRIFWTSRLNLVKVACVVILFVDVLVD
FLYLSPLAFDFLPFRIAPYVRVIIFILSIRELRDTLVLLSGMLGTYLNILALWMLFLLFASWIAFVMFEDTQQGLTVFTS
YGATLYQMFILFTTSNNPDVWIPAYKSSRWSSVFFVLYVLIGVYFVTNLILAVVYDSFKEQLAKQVSGMDQMKRRMLEKA
FGLIDSDKNGEIDKNQCIKLFEQLTNYRTLPKISKEEFGLIFDELDDTRDFKINKDEFADLCQAIALRFQKEEVPSLFEH
FPQIYHSALSQQLRAFVRSPNFGYAISFILIINFIAVVVETTLDIEESSAQKPWQVAEFVFGWIYVLEMALKIYTYGFEN
YWREGANRFDFLVTWVIVIGETATFITPDENTFFSNGEWIRYLLLARMLRLIRLLMNVQRYRAFIATFITLIPSLMPYLG
TIFCVLCIYCSIGVQVFGGLVNAGNKKLFETELAEDDYLLFNFNDYPNGMVTLFNLLVMGNWQVWMESYKDLTGTWWSIT
YFVSFYVITILLLLNLVVAFVLEAFFTELDLEEEEKCQGQDSQEKRNRRRSAGSKSRSQRVDTLLHHMLGDELSKPECST
SDT
;
_entity_poly.pdbx_strand_id   A
#
loop_
_chem_comp.id
_chem_comp.type
_chem_comp.name
_chem_comp.formula
66R non-polymer 'trans-Ned 19' 'C30 H31 F N4 O3'
CA non-polymer 'CALCIUM ION' 'Ca 2'
PLM non-polymer 'PALMITIC ACID' 'C16 H32 O2'
#
# COMPACT_ATOMS: atom_id res chain seq x y z
N PRO A 20 21.76 13.59 -27.62
CA PRO A 20 21.76 12.18 -27.20
C PRO A 20 20.43 11.50 -27.44
N PHE A 21 19.86 11.69 -28.64
CA PHE A 21 18.54 11.16 -28.99
C PHE A 21 18.61 10.51 -30.36
N GLN A 22 19.20 9.33 -30.41
CA GLN A 22 19.20 8.58 -31.65
C GLN A 22 17.76 8.36 -32.11
N LYS A 23 17.59 8.29 -33.43
CA LYS A 23 16.26 8.07 -34.00
C LYS A 23 15.73 6.68 -33.65
N ALA A 24 16.48 5.63 -33.97
CA ALA A 24 16.13 4.29 -33.53
C ALA A 24 16.09 4.19 -32.00
N ALA A 25 16.97 4.96 -31.35
CA ALA A 25 17.16 4.82 -29.92
C ALA A 25 15.91 5.25 -29.15
N ALA A 26 15.31 6.38 -29.52
CA ALA A 26 14.00 6.75 -28.97
C ALA A 26 13.08 5.54 -28.90
N LEU A 27 13.04 4.72 -29.95
CA LEU A 27 12.08 3.63 -29.98
C LEU A 27 12.47 2.53 -29.00
N VAL A 28 13.73 2.08 -29.05
CA VAL A 28 14.10 0.95 -28.20
C VAL A 28 13.77 1.22 -26.73
N ASP A 29 14.37 2.29 -26.18
CA ASP A 29 14.10 2.67 -24.79
C ASP A 29 12.61 2.63 -24.50
N LEU A 30 11.80 3.18 -25.41
CA LEU A 30 10.35 3.17 -25.22
C LEU A 30 9.82 1.76 -25.07
N ALA A 31 10.29 0.83 -25.90
CA ALA A 31 9.95 -0.57 -25.67
C ALA A 31 10.24 -0.97 -24.23
N GLU A 32 11.41 -0.57 -23.74
CA GLU A 32 11.75 -0.88 -22.35
C GLU A 32 10.78 -0.20 -21.37
N ASP A 33 10.19 0.93 -21.78
CA ASP A 33 9.15 1.54 -20.96
C ASP A 33 7.90 0.67 -20.94
N GLY A 34 7.49 0.16 -22.11
CA GLY A 34 6.38 -0.77 -22.14
C GLY A 34 6.58 -1.93 -21.18
N ILE A 35 7.78 -2.52 -21.18
CA ILE A 35 8.00 -3.70 -20.35
C ILE A 35 8.09 -3.32 -18.88
N GLY A 36 8.91 -2.32 -18.55
CA GLY A 36 8.90 -1.78 -17.20
C GLY A 36 7.55 -1.22 -16.80
N LEU A 37 6.72 -0.83 -17.78
CA LEU A 37 5.34 -0.39 -17.59
C LEU A 37 5.18 1.06 -17.12
N PRO A 38 6.21 1.93 -17.18
CA PRO A 38 5.99 3.34 -16.80
C PRO A 38 4.80 3.94 -17.52
N VAL A 39 4.22 4.99 -16.92
CA VAL A 39 2.98 5.57 -17.39
C VAL A 39 3.21 7.04 -17.72
N GLU A 40 2.86 7.41 -18.95
CA GLU A 40 2.70 8.80 -19.37
C GLU A 40 1.76 8.79 -20.56
N ILE A 41 1.17 9.94 -20.85
CA ILE A 41 0.26 10.03 -21.99
C ILE A 41 0.50 11.33 -22.73
N LEU A 42 1.64 11.43 -23.41
CA LEU A 42 1.95 12.55 -24.29
C LEU A 42 2.10 12.00 -25.70
N ASP A 43 1.36 12.59 -26.64
CA ASP A 43 1.23 12.03 -27.99
C ASP A 43 2.43 12.31 -28.89
N GLN A 44 3.40 13.11 -28.44
CA GLN A 44 4.56 13.39 -29.29
C GLN A 44 5.55 14.32 -28.60
N SER A 45 6.84 14.00 -28.71
CA SER A 45 7.90 14.88 -28.20
C SER A 45 8.75 15.35 -29.38
N SER A 46 8.68 16.65 -29.66
CA SER A 46 9.43 17.22 -30.77
C SER A 46 10.92 17.26 -30.44
N PHE A 47 11.75 16.90 -31.43
CA PHE A 47 13.21 16.88 -31.28
C PHE A 47 13.74 18.15 -30.64
N SER A 50 17.81 14.37 -26.12
CA SER A 50 17.25 13.02 -25.99
C SER A 50 15.80 13.07 -25.56
N ALA A 51 15.59 13.53 -24.32
CA ALA A 51 14.25 13.79 -23.82
C ALA A 51 13.36 14.43 -24.87
N ARG A 52 13.83 15.55 -25.41
CA ARG A 52 13.03 16.42 -26.24
C ARG A 52 12.07 17.24 -25.38
N TYR A 53 11.42 18.20 -26.03
CA TYR A 53 10.66 19.22 -25.32
C TYR A 53 9.68 18.61 -24.34
N TYR A 54 8.96 17.57 -24.76
CA TYR A 54 7.89 17.04 -23.94
C TYR A 54 8.41 16.14 -22.84
N PHE A 55 9.38 15.28 -23.14
CA PHE A 55 9.82 14.34 -22.12
C PHE A 55 10.59 15.05 -21.01
N ILE A 56 11.36 16.09 -21.33
CA ILE A 56 12.28 16.58 -20.32
C ILE A 56 11.56 16.98 -19.04
N PHE A 57 10.31 17.45 -19.15
CA PHE A 57 9.57 17.90 -17.97
C PHE A 57 9.38 16.75 -16.97
N THR A 58 8.62 15.73 -17.37
CA THR A 58 8.49 14.55 -16.51
C THR A 58 9.84 13.94 -16.19
N ARG A 59 10.81 14.12 -17.08
CA ARG A 59 12.14 13.53 -16.89
C ARG A 59 12.81 14.09 -15.65
N LEU A 60 12.76 15.41 -15.47
CA LEU A 60 13.24 16.03 -14.25
C LEU A 60 12.20 16.03 -13.14
N ASP A 61 10.98 15.55 -13.41
CA ASP A 61 10.00 15.37 -12.35
C ASP A 61 10.42 14.31 -11.33
N LEU A 62 11.27 13.35 -11.71
CA LEU A 62 11.56 12.24 -10.79
C LEU A 62 12.31 12.73 -9.55
N ILE A 63 13.45 13.40 -9.75
CA ILE A 63 14.20 13.94 -8.61
C ILE A 63 13.26 14.69 -7.68
N TRP A 64 12.44 15.59 -8.24
CA TRP A 64 11.37 16.23 -7.48
C TRP A 64 10.36 15.24 -6.95
N SER A 65 10.36 14.01 -7.46
CA SER A 65 9.34 13.05 -7.05
C SER A 65 9.72 12.41 -5.72
N LEU A 66 11.01 12.18 -5.52
CA LEU A 66 11.45 11.70 -4.21
C LEU A 66 11.14 12.72 -3.12
N ASN A 67 11.63 13.95 -3.28
CA ASN A 67 11.32 15.01 -2.33
C ASN A 67 9.82 15.22 -2.20
N TYR A 68 9.10 15.16 -3.31
CA TYR A 68 7.64 15.23 -3.24
C TYR A 68 7.11 14.18 -2.28
N PHE A 69 7.51 12.92 -2.49
CA PHE A 69 7.20 11.85 -1.54
C PHE A 69 7.35 12.33 -0.11
N ALA A 70 8.56 12.76 0.24
CA ALA A 70 8.80 13.28 1.59
C ALA A 70 7.75 14.32 1.98
N LEU A 71 7.42 15.22 1.04
CA LEU A 71 6.54 16.35 1.34
C LEU A 71 5.10 15.89 1.59
N LEU A 72 4.60 14.91 0.85
CA LEU A 72 3.24 14.44 1.12
C LEU A 72 3.19 13.65 2.42
N PHE A 73 4.26 12.91 2.74
CA PHE A 73 4.25 12.17 3.99
C PHE A 73 4.28 13.10 5.19
N LEU A 74 5.14 14.11 5.16
CA LEU A 74 5.24 15.04 6.29
C LEU A 74 4.02 15.96 6.35
N ASN A 75 3.69 16.59 5.21
CA ASN A 75 2.43 17.30 5.05
C ASN A 75 1.27 16.52 5.66
N PHE A 76 1.22 15.22 5.39
CA PHE A 76 0.13 14.39 5.88
C PHE A 76 0.22 14.18 7.38
N PHE A 77 1.43 13.89 7.87
CA PHE A 77 1.65 13.74 9.30
C PHE A 77 1.46 15.04 10.07
N GLU A 78 1.23 16.15 9.38
CA GLU A 78 0.90 17.39 10.08
C GLU A 78 -0.36 17.24 10.92
N GLN A 79 -1.27 16.35 10.54
CA GLN A 79 -2.54 16.24 11.25
C GLN A 79 -2.39 15.59 12.61
N PRO A 80 -1.57 14.53 12.76
CA PRO A 80 -1.36 13.94 14.09
C PRO A 80 -0.65 14.88 15.05
N LEU A 81 0.46 15.47 14.60
CA LEU A 81 1.13 16.48 15.40
C LEU A 81 0.33 17.77 15.51
N TRP A 82 -0.70 17.92 14.68
CA TRP A 82 -1.59 19.06 14.76
C TRP A 82 -2.16 19.21 16.16
N CYS A 83 -2.27 20.46 16.63
CA CYS A 83 -2.84 20.73 17.93
C CYS A 83 -4.37 20.68 17.86
N GLU A 84 -4.97 20.18 18.93
CA GLU A 84 -6.40 19.87 18.92
C GLU A 84 -7.25 21.13 18.92
N LYS A 85 -8.51 20.95 18.49
CA LYS A 85 -9.44 22.07 18.43
C LYS A 85 -10.20 22.28 19.73
N ASN A 86 -10.52 21.20 20.44
CA ASN A 86 -11.28 21.33 21.68
C ASN A 86 -10.45 21.99 22.79
N PRO A 87 -9.13 21.80 22.84
CA PRO A 87 -8.34 22.48 23.88
C PRO A 87 -8.35 24.01 23.76
N LYS A 88 -8.58 24.56 22.56
CA LYS A 88 -8.48 26.00 22.39
C LYS A 88 -9.43 26.79 23.29
N PRO A 89 -10.69 26.36 23.48
CA PRO A 89 -11.51 26.97 24.56
C PRO A 89 -11.10 26.46 25.93
N SER A 90 -11.99 26.57 26.91
CA SER A 90 -11.73 26.10 28.26
C SER A 90 -11.74 24.56 28.33
N CYS A 91 -11.34 23.98 29.46
CA CYS A 91 -10.96 24.73 30.65
C CYS A 91 -9.47 24.59 31.02
N LYS A 92 -9.12 23.47 31.68
CA LYS A 92 -7.73 23.19 32.05
C LYS A 92 -6.92 22.92 30.80
N ASP A 93 -5.81 23.64 30.62
CA ASP A 93 -5.09 23.62 29.36
C ASP A 93 -3.94 22.63 29.42
N ARG A 94 -3.95 21.64 28.52
CA ARG A 94 -2.87 20.67 28.39
C ARG A 94 -2.63 19.96 29.72
N ASP A 95 -3.70 19.45 30.29
CA ASP A 95 -3.65 18.59 31.46
C ASP A 95 -3.72 17.13 31.00
N TYR A 96 -3.61 16.22 31.94
CA TYR A 96 -3.81 14.81 31.62
C TYR A 96 -5.29 14.46 31.66
N TYR A 97 -6.05 15.26 32.40
CA TYR A 97 -7.50 15.25 32.27
C TYR A 97 -7.89 15.51 30.81
N TYR A 98 -8.95 14.84 30.36
CA TYR A 98 -9.15 14.61 28.92
C TYR A 98 -7.78 14.35 28.31
N LEU A 99 -7.39 13.08 28.35
CA LEU A 99 -5.99 12.67 28.28
C LEU A 99 -5.45 12.78 26.85
N GLY A 100 -4.17 13.15 26.77
CA GLY A 100 -3.46 13.17 25.50
C GLY A 100 -2.04 12.69 25.71
N GLU A 101 -1.32 12.48 24.60
CA GLU A 101 -0.03 11.82 24.73
C GLU A 101 1.03 12.24 23.70
N LEU A 102 0.66 12.96 22.65
CA LEU A 102 1.66 13.29 21.64
C LEU A 102 2.18 14.70 21.83
N PRO A 103 3.05 15.21 20.95
CA PRO A 103 3.63 16.54 21.19
C PRO A 103 2.66 17.69 20.97
N TYR A 104 1.64 17.53 20.13
CA TYR A 104 0.79 18.66 19.76
C TYR A 104 1.61 19.67 18.98
N LEU A 105 1.07 20.86 18.74
CA LEU A 105 1.81 21.84 17.96
C LEU A 105 1.23 23.22 18.18
N THR A 106 2.09 24.22 18.09
CA THR A 106 1.69 25.61 18.19
C THR A 106 1.41 26.18 16.82
N ASN A 107 0.46 27.13 16.76
CA ASN A 107 0.10 27.73 15.48
C ASN A 107 1.22 28.60 14.92
N ALA A 108 2.05 29.18 15.79
CA ALA A 108 3.27 29.81 15.32
C ALA A 108 4.24 28.77 14.75
N GLU A 109 4.41 27.65 15.45
CA GLU A 109 5.24 26.58 14.90
C GLU A 109 4.48 25.76 13.87
N SER A 110 3.14 25.80 13.91
CA SER A 110 2.36 25.05 12.93
C SER A 110 2.37 25.74 11.57
N ILE A 111 2.26 27.07 11.56
CA ILE A 111 1.97 27.76 10.31
C ILE A 111 3.20 27.81 9.40
N ILE A 112 4.39 27.95 9.98
CA ILE A 112 5.60 27.93 9.15
C ILE A 112 5.63 26.64 8.33
N TYR A 113 5.29 25.52 8.97
CA TYR A 113 5.28 24.24 8.28
C TYR A 113 4.10 24.12 7.32
N GLU A 114 2.92 24.59 7.73
CA GLU A 114 1.77 24.58 6.82
C GLU A 114 2.11 25.32 5.53
N VAL A 115 2.79 26.45 5.65
CA VAL A 115 3.10 27.28 4.48
C VAL A 115 4.22 26.66 3.65
N ILE A 116 5.21 26.04 4.30
CA ILE A 116 6.25 25.37 3.53
C ILE A 116 5.67 24.19 2.75
N THR A 117 4.90 23.34 3.43
CA THR A 117 4.26 22.21 2.76
C THR A 117 3.34 22.71 1.64
N LEU A 118 2.66 23.83 1.85
CA LEU A 118 1.70 24.28 0.85
C LEU A 118 2.40 24.88 -0.35
N ALA A 119 3.52 25.58 -0.13
CA ALA A 119 4.27 26.17 -1.24
C ALA A 119 4.94 25.09 -2.07
N ILE A 120 5.77 24.25 -1.43
CA ILE A 120 6.40 23.13 -2.13
C ILE A 120 5.34 22.32 -2.85
N LEU A 121 4.28 21.94 -2.14
CA LEU A 121 3.16 21.25 -2.76
C LEU A 121 2.70 21.97 -4.01
N LEU A 122 2.54 23.30 -3.94
CA LEU A 122 2.01 24.03 -5.08
C LEU A 122 2.93 23.91 -6.28
N VAL A 123 4.22 24.12 -6.07
CA VAL A 123 5.21 23.87 -7.13
C VAL A 123 4.88 22.52 -7.75
N HIS A 124 4.69 21.51 -6.89
CA HIS A 124 4.46 20.16 -7.41
C HIS A 124 3.19 20.09 -8.23
N THR A 125 2.12 20.76 -7.80
CA THR A 125 0.82 20.59 -8.46
C THR A 125 0.80 21.29 -9.81
N PHE A 126 1.51 22.41 -9.95
CA PHE A 126 1.53 23.10 -11.24
C PHE A 126 2.69 22.69 -12.12
N PHE A 127 3.58 21.84 -11.64
CA PHE A 127 4.66 21.30 -12.46
C PHE A 127 4.18 20.51 -13.68
N PRO A 128 2.96 19.94 -13.69
CA PRO A 128 2.56 19.14 -14.86
C PRO A 128 2.39 19.96 -16.13
N ILE A 129 1.85 21.18 -16.05
CA ILE A 129 1.70 22.00 -17.27
C ILE A 129 3.01 22.05 -18.03
N SER A 130 4.13 21.95 -17.30
CA SER A 130 5.44 21.79 -17.94
C SER A 130 5.33 20.85 -19.13
N TYR A 131 4.90 19.61 -18.90
CA TYR A 131 4.77 18.60 -19.95
C TYR A 131 3.35 18.50 -20.50
N GLU A 132 2.46 19.40 -20.11
CA GLU A 132 1.07 19.35 -20.54
C GLU A 132 0.67 20.67 -21.20
N GLY A 133 -0.35 20.60 -22.04
CA GLY A 133 -0.92 21.81 -22.60
C GLY A 133 -1.63 22.61 -21.51
N SER A 134 -1.46 23.93 -21.59
CA SER A 134 -2.08 24.83 -20.61
C SER A 134 -3.56 24.51 -20.44
N ARG A 135 -4.36 24.76 -21.49
CA ARG A 135 -5.76 24.38 -21.44
C ARG A 135 -5.93 22.89 -21.18
N ILE A 136 -4.92 22.09 -21.52
CA ILE A 136 -5.00 20.66 -21.24
C ILE A 136 -4.90 20.42 -19.74
N PHE A 137 -3.92 21.03 -19.08
CA PHE A 137 -3.81 20.87 -17.63
C PHE A 137 -5.08 21.37 -16.95
N TRP A 138 -5.59 22.53 -17.35
CA TRP A 138 -6.79 23.06 -16.71
C TRP A 138 -7.99 22.18 -16.97
N THR A 139 -8.10 21.61 -18.18
CA THR A 139 -9.28 20.83 -18.53
C THR A 139 -9.31 19.49 -17.82
N SER A 140 -8.14 18.88 -17.60
CA SER A 140 -8.09 17.59 -16.93
C SER A 140 -8.79 17.67 -15.58
N ARG A 141 -9.61 16.67 -15.30
CA ARG A 141 -10.34 16.65 -14.04
C ARG A 141 -9.40 16.50 -12.86
N LEU A 142 -8.37 15.66 -13.01
CA LEU A 142 -7.41 15.45 -11.92
C LEU A 142 -6.74 16.76 -11.52
N ASN A 143 -6.24 17.52 -12.50
CA ASN A 143 -5.51 18.74 -12.17
C ASN A 143 -6.44 19.80 -11.59
N LEU A 144 -7.69 19.85 -12.06
CA LEU A 144 -8.62 20.83 -11.50
C LEU A 144 -8.97 20.48 -10.06
N VAL A 145 -9.12 19.20 -9.76
CA VAL A 145 -9.47 18.80 -8.39
C VAL A 145 -8.27 18.98 -7.46
N LYS A 146 -7.11 18.44 -7.86
CA LYS A 146 -5.88 18.66 -7.13
C LYS A 146 -5.67 20.13 -6.81
N VAL A 147 -5.72 20.99 -7.84
CA VAL A 147 -5.53 22.42 -7.63
C VAL A 147 -6.62 22.99 -6.75
N ALA A 148 -7.84 22.44 -6.83
CA ALA A 148 -8.92 22.94 -5.97
C ALA A 148 -8.60 22.68 -4.50
N CYS A 149 -8.24 21.44 -4.16
CA CYS A 149 -7.80 21.15 -2.80
C CYS A 149 -6.65 22.05 -2.40
N VAL A 150 -5.74 22.32 -3.34
CA VAL A 150 -4.65 23.27 -3.08
C VAL A 150 -5.21 24.62 -2.64
N VAL A 151 -6.20 25.13 -3.40
CA VAL A 151 -6.71 26.47 -3.13
C VAL A 151 -7.37 26.52 -1.76
N ILE A 152 -8.18 25.49 -1.44
CA ILE A 152 -8.79 25.43 -0.11
C ILE A 152 -7.69 25.45 0.97
N LEU A 153 -6.68 24.60 0.79
CA LEU A 153 -5.58 24.54 1.76
C LEU A 153 -4.97 25.91 1.99
N PHE A 154 -4.62 26.62 0.93
CA PHE A 154 -3.94 27.91 1.08
C PHE A 154 -4.86 28.93 1.73
N VAL A 155 -6.09 29.08 1.24
CA VAL A 155 -7.00 30.03 1.86
C VAL A 155 -7.05 29.78 3.37
N ASP A 156 -7.20 28.51 3.76
CA ASP A 156 -7.29 28.24 5.19
C ASP A 156 -5.97 28.50 5.91
N VAL A 157 -4.83 28.38 5.21
CA VAL A 157 -3.56 28.66 5.89
C VAL A 157 -3.44 30.15 6.18
N LEU A 158 -3.89 31.00 5.25
CA LEU A 158 -3.90 32.43 5.53
C LEU A 158 -4.83 32.76 6.68
N VAL A 159 -6.09 32.31 6.58
CA VAL A 159 -7.05 32.55 7.67
C VAL A 159 -6.46 32.12 9.00
N ASP A 160 -5.81 30.95 9.02
CA ASP A 160 -5.17 30.46 10.24
C ASP A 160 -4.07 31.39 10.70
N PHE A 161 -3.31 31.95 9.75
CA PHE A 161 -2.23 32.87 10.11
C PHE A 161 -2.76 34.10 10.82
N LEU A 162 -3.89 34.65 10.35
CA LEU A 162 -4.41 35.87 10.96
C LEU A 162 -4.91 35.62 12.38
N TYR A 163 -5.69 34.55 12.57
CA TYR A 163 -6.29 34.26 13.87
C TYR A 163 -5.24 33.90 14.92
N PHE A 174 -10.42 26.09 9.98
CA PHE A 174 -9.81 25.14 10.90
C PHE A 174 -10.69 23.90 11.08
N ARG A 175 -11.70 23.77 10.23
CA ARG A 175 -12.65 22.67 10.31
C ARG A 175 -12.44 21.62 9.23
N ILE A 176 -12.27 22.04 7.98
CA ILE A 176 -12.11 21.10 6.89
C ILE A 176 -10.72 21.21 6.27
N ALA A 177 -9.77 21.82 6.98
CA ALA A 177 -8.40 21.96 6.50
C ALA A 177 -7.68 20.62 6.46
N PRO A 178 -7.87 19.74 7.46
CA PRO A 178 -7.19 18.45 7.41
C PRO A 178 -7.76 17.52 6.35
N TYR A 179 -9.08 17.57 6.15
CA TYR A 179 -9.73 16.71 5.16
C TYR A 179 -9.06 16.84 3.80
N VAL A 180 -8.71 18.06 3.39
CA VAL A 180 -8.00 18.22 2.14
C VAL A 180 -6.55 17.79 2.28
N ARG A 181 -6.04 17.63 3.50
CA ARG A 181 -4.74 16.99 3.68
C ARG A 181 -4.80 15.54 3.24
N VAL A 182 -5.75 14.79 3.80
CA VAL A 182 -5.82 13.37 3.48
C VAL A 182 -6.35 13.16 2.07
N ILE A 183 -7.25 14.03 1.61
CA ILE A 183 -7.80 13.91 0.26
C ILE A 183 -6.74 14.28 -0.77
N ILE A 184 -6.00 15.36 -0.52
CA ILE A 184 -4.88 15.69 -1.40
C ILE A 184 -3.84 14.58 -1.39
N PHE A 185 -3.74 13.86 -0.27
CA PHE A 185 -2.76 12.77 -0.19
C PHE A 185 -3.24 11.54 -0.95
N ILE A 186 -4.55 11.26 -0.93
CA ILE A 186 -5.04 10.02 -1.51
C ILE A 186 -4.83 10.00 -3.02
N LEU A 187 -5.08 11.13 -3.68
CA LEU A 187 -4.83 11.25 -5.10
C LEU A 187 -3.44 11.79 -5.42
N SER A 188 -2.62 12.03 -4.40
CA SER A 188 -1.24 12.43 -4.67
C SER A 188 -0.40 11.26 -5.16
N ILE A 189 -0.78 10.04 -4.79
CA ILE A 189 -0.08 8.83 -5.21
C ILE A 189 -1.02 8.03 -6.09
N ARG A 190 -0.49 7.51 -7.21
CA ARG A 190 -1.33 6.81 -8.16
C ARG A 190 -1.90 5.54 -7.54
N GLU A 191 -1.07 4.76 -6.87
CA GLU A 191 -1.48 3.42 -6.45
C GLU A 191 -2.67 3.47 -5.50
N LEU A 192 -2.74 4.50 -4.65
CA LEU A 192 -3.95 4.74 -3.88
C LEU A 192 -5.11 5.12 -4.78
N ARG A 193 -4.85 5.96 -5.77
CA ARG A 193 -5.89 6.45 -6.66
C ARG A 193 -6.61 5.30 -7.36
N ASP A 194 -5.86 4.46 -8.06
CA ASP A 194 -6.48 3.37 -8.82
C ASP A 194 -7.17 2.39 -7.89
N THR A 195 -6.70 2.25 -6.66
CA THR A 195 -7.41 1.43 -5.68
C THR A 195 -8.77 2.02 -5.36
N LEU A 196 -8.80 3.32 -5.07
CA LEU A 196 -10.08 4.03 -4.94
C LEU A 196 -10.99 3.71 -6.13
N VAL A 197 -10.48 3.91 -7.34
CA VAL A 197 -11.28 3.65 -8.54
C VAL A 197 -11.81 2.23 -8.52
N LEU A 198 -10.96 1.27 -8.16
CA LEU A 198 -11.39 -0.12 -8.07
C LEU A 198 -12.58 -0.24 -7.13
N LEU A 199 -12.51 0.44 -5.98
CA LEU A 199 -13.62 0.41 -5.04
C LEU A 199 -14.90 0.93 -5.68
N SER A 200 -14.81 2.10 -6.34
CA SER A 200 -16.01 2.74 -6.87
C SER A 200 -16.86 1.78 -7.69
N GLY A 201 -16.23 0.99 -8.57
CA GLY A 201 -16.99 0.09 -9.41
C GLY A 201 -17.81 -0.92 -8.63
N MET A 202 -17.21 -1.51 -7.60
CA MET A 202 -17.91 -2.45 -6.73
C MET A 202 -18.78 -1.75 -5.70
N LEU A 203 -18.74 -0.42 -5.65
CA LEU A 203 -19.48 0.31 -4.63
C LEU A 203 -20.99 0.24 -4.89
N GLY A 204 -21.39 0.44 -6.15
CA GLY A 204 -22.80 0.36 -6.50
C GLY A 204 -23.44 -0.94 -6.07
N THR A 205 -22.87 -2.07 -6.51
CA THR A 205 -23.37 -3.36 -6.09
C THR A 205 -23.32 -3.51 -4.57
N TYR A 206 -22.21 -3.09 -3.96
CA TYR A 206 -22.10 -3.13 -2.51
C TYR A 206 -23.31 -2.50 -1.84
N LEU A 207 -23.79 -1.37 -2.37
CA LEU A 207 -24.92 -0.70 -1.72
C LEU A 207 -26.15 -1.60 -1.72
N ASN A 208 -26.49 -2.20 -2.87
CA ASN A 208 -27.66 -3.06 -2.94
C ASN A 208 -27.56 -4.22 -1.96
N ILE A 209 -26.42 -4.92 -1.97
CA ILE A 209 -26.27 -6.01 -1.01
C ILE A 209 -26.45 -5.49 0.41
N LEU A 210 -25.99 -4.25 0.66
CA LEU A 210 -26.24 -3.63 1.96
C LEU A 210 -27.73 -3.47 2.21
N ALA A 211 -28.50 -3.17 1.17
CA ALA A 211 -29.95 -3.07 1.33
C ALA A 211 -30.54 -4.39 1.82
N LEU A 212 -30.17 -5.49 1.14
CA LEU A 212 -30.68 -6.79 1.59
C LEU A 212 -30.26 -7.07 3.04
N TRP A 213 -28.98 -6.85 3.36
CA TRP A 213 -28.53 -6.99 4.74
C TRP A 213 -29.42 -6.21 5.69
N MET A 214 -29.75 -4.97 5.34
CA MET A 214 -30.58 -4.14 6.21
C MET A 214 -31.98 -4.69 6.35
N LEU A 215 -32.52 -5.34 5.32
CA LEU A 215 -33.81 -5.99 5.51
C LEU A 215 -33.70 -7.18 6.44
N PHE A 216 -32.57 -7.91 6.40
CA PHE A 216 -32.38 -8.98 7.37
C PHE A 216 -32.33 -8.42 8.79
N LEU A 217 -31.64 -7.30 8.98
CA LEU A 217 -31.55 -6.73 10.32
C LEU A 217 -32.91 -6.23 10.80
N LEU A 218 -33.63 -5.50 9.94
CA LEU A 218 -34.95 -5.01 10.33
C LEU A 218 -35.88 -6.17 10.67
N PHE A 219 -36.05 -7.12 9.74
CA PHE A 219 -36.96 -8.22 9.99
C PHE A 219 -36.58 -8.99 11.25
N ALA A 220 -35.30 -9.37 11.36
CA ALA A 220 -34.85 -10.14 12.52
C ALA A 220 -35.12 -9.40 13.82
N SER A 221 -34.69 -8.14 13.89
CA SER A 221 -34.99 -7.33 15.06
C SER A 221 -36.47 -7.36 15.39
N TRP A 222 -37.32 -7.23 14.37
CA TRP A 222 -38.76 -7.27 14.63
C TRP A 222 -39.16 -8.56 15.30
N ILE A 223 -38.85 -9.70 14.67
CA ILE A 223 -39.37 -10.97 15.17
C ILE A 223 -38.82 -11.27 16.56
N ALA A 224 -37.54 -10.97 16.80
CA ALA A 224 -37.00 -11.18 18.14
C ALA A 224 -37.72 -10.31 19.16
N PHE A 225 -37.87 -9.01 18.85
CA PHE A 225 -38.52 -8.09 19.77
C PHE A 225 -39.94 -8.56 20.10
N VAL A 226 -40.75 -8.84 19.08
CA VAL A 226 -42.10 -9.35 19.35
C VAL A 226 -42.03 -10.64 20.16
N MET A 227 -40.98 -11.44 19.96
CA MET A 227 -40.86 -12.67 20.72
C MET A 227 -40.64 -12.41 22.21
N PHE A 228 -39.91 -11.35 22.55
CA PHE A 228 -39.55 -11.12 23.95
C PHE A 228 -40.15 -9.83 24.53
N GLU A 229 -41.37 -9.47 24.11
CA GLU A 229 -41.96 -8.24 24.62
C GLU A 229 -42.58 -8.44 26.01
N ASP A 230 -43.35 -9.52 26.17
CA ASP A 230 -43.96 -9.85 27.45
C ASP A 230 -43.09 -10.75 28.31
N THR A 231 -41.77 -10.73 28.08
CA THR A 231 -40.84 -11.58 28.80
C THR A 231 -39.87 -10.73 29.61
N GLN A 232 -38.96 -11.40 30.31
CA GLN A 232 -38.02 -10.69 31.17
C GLN A 232 -37.09 -9.80 30.36
N GLN A 233 -36.78 -10.19 29.12
CA GLN A 233 -35.80 -9.42 28.33
C GLN A 233 -36.45 -8.17 27.77
N GLY A 234 -37.60 -7.80 28.35
CA GLY A 234 -38.15 -6.48 28.16
C GLY A 234 -37.21 -5.37 28.56
N LEU A 235 -36.30 -5.63 29.51
CA LEU A 235 -35.34 -4.63 29.93
C LEU A 235 -34.32 -4.35 28.82
N THR A 236 -33.74 -5.41 28.24
CA THR A 236 -32.92 -5.24 27.06
C THR A 236 -33.74 -4.76 25.88
N VAL A 237 -34.97 -5.24 25.78
CA VAL A 237 -35.89 -4.78 24.75
C VAL A 237 -36.75 -3.62 25.25
N PHE A 238 -36.31 -2.93 26.30
CA PHE A 238 -37.10 -1.85 26.88
C PHE A 238 -37.48 -0.81 25.82
N THR A 239 -36.51 -0.35 25.04
CA THR A 239 -36.82 0.54 23.92
C THR A 239 -37.35 -0.22 22.71
N SER A 240 -37.36 -1.55 22.77
CA SER A 240 -37.98 -2.36 21.74
C SER A 240 -37.24 -2.26 20.41
N TYR A 241 -37.98 -1.93 19.36
CA TYR A 241 -37.42 -2.05 18.01
C TYR A 241 -36.28 -1.08 17.80
N GLY A 242 -36.44 0.16 18.27
CA GLY A 242 -35.32 1.09 18.20
C GLY A 242 -34.07 0.54 18.84
N ALA A 243 -34.23 -0.17 19.96
CA ALA A 243 -33.13 -0.80 20.69
C ALA A 243 -32.94 -2.26 20.34
N THR A 244 -34.02 -3.02 20.16
CA THR A 244 -33.87 -4.42 19.77
C THR A 244 -33.15 -4.54 18.43
N LEU A 245 -33.37 -3.59 17.53
CA LEU A 245 -32.61 -3.54 16.29
C LEU A 245 -31.14 -3.29 16.56
N TYR A 246 -30.85 -2.41 17.52
CA TYR A 246 -29.47 -2.13 17.92
C TYR A 246 -28.78 -3.40 18.43
N GLN A 247 -29.41 -4.07 19.40
CA GLN A 247 -28.81 -5.26 19.99
C GLN A 247 -28.65 -6.37 18.96
N MET A 248 -29.70 -6.64 18.17
CA MET A 248 -29.57 -7.64 17.11
C MET A 248 -28.46 -7.24 16.14
N PHE A 249 -28.24 -5.93 15.94
CA PHE A 249 -27.18 -5.50 15.05
C PHE A 249 -25.82 -5.86 15.61
N ILE A 250 -25.59 -5.59 16.90
CA ILE A 250 -24.29 -5.94 17.48
C ILE A 250 -24.12 -7.45 17.52
N LEU A 251 -25.16 -8.18 17.90
CA LEU A 251 -25.11 -9.64 17.85
C LEU A 251 -24.76 -10.11 16.44
N PHE A 252 -25.16 -9.35 15.41
CA PHE A 252 -24.71 -9.65 14.06
C PHE A 252 -23.19 -9.77 13.99
N THR A 253 -22.49 -8.93 14.76
CA THR A 253 -21.03 -8.99 14.80
C THR A 253 -20.52 -10.10 15.71
N THR A 254 -21.37 -10.66 16.56
CA THR A 254 -21.01 -11.60 17.62
C THR A 254 -20.18 -10.94 18.71
N SER A 255 -19.93 -9.63 18.63
CA SER A 255 -19.09 -8.97 19.61
C SER A 255 -19.66 -9.08 21.02
N ASN A 256 -20.97 -9.23 21.15
CA ASN A 256 -21.66 -9.28 22.45
C ASN A 256 -22.55 -10.52 22.54
N ASN A 257 -22.08 -11.63 21.99
CA ASN A 257 -22.91 -12.81 21.81
C ASN A 257 -23.49 -13.31 23.13
N PRO A 258 -22.66 -13.85 24.02
CA PRO A 258 -23.22 -14.38 25.27
C PRO A 258 -23.94 -13.33 26.10
N ASP A 259 -23.49 -12.08 26.05
CA ASP A 259 -23.97 -11.08 26.99
C ASP A 259 -25.34 -10.55 26.59
N VAL A 260 -25.60 -10.44 25.28
CA VAL A 260 -26.78 -9.72 24.84
C VAL A 260 -28.06 -10.47 25.23
N TRP A 261 -28.05 -11.80 25.13
CA TRP A 261 -29.24 -12.59 25.40
C TRP A 261 -29.14 -13.40 26.68
N ILE A 262 -28.28 -12.98 27.62
CA ILE A 262 -28.10 -13.76 28.84
C ILE A 262 -29.33 -13.67 29.73
N PRO A 263 -30.01 -12.53 29.85
CA PRO A 263 -31.25 -12.53 30.63
C PRO A 263 -32.31 -13.49 30.08
N ALA A 264 -32.51 -13.52 28.75
CA ALA A 264 -33.44 -14.47 28.14
C ALA A 264 -33.02 -15.91 28.43
N TYR A 265 -31.75 -16.23 28.21
CA TYR A 265 -31.29 -17.58 28.48
C TYR A 265 -31.54 -17.97 29.92
N LYS A 266 -31.33 -17.01 30.84
CA LYS A 266 -31.67 -17.28 32.24
C LYS A 266 -33.15 -17.56 32.40
N SER A 267 -34.00 -16.80 31.70
CA SER A 267 -35.45 -17.03 31.78
C SER A 267 -35.81 -18.41 31.23
N SER A 268 -35.26 -18.77 30.08
CA SER A 268 -35.55 -20.06 29.46
C SER A 268 -34.32 -20.57 28.74
N ARG A 269 -34.00 -21.85 28.94
CA ARG A 269 -32.89 -22.45 28.20
C ARG A 269 -33.18 -22.49 26.71
N TRP A 270 -34.45 -22.60 26.34
CA TRP A 270 -34.85 -22.69 24.94
C TRP A 270 -34.75 -21.35 24.22
N SER A 271 -34.73 -20.24 24.95
CA SER A 271 -34.51 -18.95 24.31
C SER A 271 -33.30 -18.99 23.39
N SER A 272 -32.20 -19.61 23.84
CA SER A 272 -30.99 -19.70 23.03
C SER A 272 -31.28 -20.27 21.65
N VAL A 273 -32.23 -21.20 21.55
CA VAL A 273 -32.55 -21.81 20.25
C VAL A 273 -32.76 -20.75 19.19
N PHE A 274 -33.33 -19.61 19.57
CA PHE A 274 -33.48 -18.50 18.64
C PHE A 274 -32.12 -17.95 18.23
N PHE A 275 -31.33 -17.48 19.20
CA PHE A 275 -30.10 -16.76 18.92
C PHE A 275 -29.13 -17.60 18.10
N VAL A 276 -28.90 -18.85 18.52
CA VAL A 276 -28.12 -19.76 17.68
C VAL A 276 -28.66 -19.73 16.25
N LEU A 277 -29.95 -20.05 16.10
CA LEU A 277 -30.59 -19.96 14.79
C LEU A 277 -30.32 -18.60 14.15
N TYR A 278 -30.45 -17.52 14.92
CA TYR A 278 -30.18 -16.20 14.38
C TYR A 278 -28.70 -16.00 14.10
N VAL A 279 -27.84 -16.42 15.03
CA VAL A 279 -26.41 -16.14 14.85
C VAL A 279 -25.89 -16.89 13.63
N LEU A 280 -26.08 -18.20 13.62
CA LEU A 280 -25.83 -19.05 12.47
C LEU A 280 -26.12 -18.32 11.16
N ILE A 281 -27.41 -18.14 10.85
CA ILE A 281 -27.79 -17.52 9.58
C ILE A 281 -27.07 -16.19 9.39
N GLY A 282 -26.94 -15.42 10.46
CA GLY A 282 -26.29 -14.12 10.34
C GLY A 282 -24.83 -14.22 9.96
N VAL A 283 -24.12 -15.19 10.52
CA VAL A 283 -22.67 -15.24 10.36
C VAL A 283 -22.27 -16.13 9.18
N TYR A 284 -22.83 -17.33 9.11
CA TYR A 284 -22.34 -18.32 8.16
C TYR A 284 -23.03 -18.23 6.81
N PHE A 285 -24.30 -17.82 6.77
CA PHE A 285 -25.02 -17.68 5.51
C PHE A 285 -24.87 -16.28 4.94
N VAL A 286 -25.24 -15.26 5.70
CA VAL A 286 -25.34 -13.91 5.17
C VAL A 286 -23.95 -13.26 5.08
N THR A 287 -23.27 -13.13 6.22
CA THR A 287 -22.01 -12.40 6.26
C THR A 287 -21.00 -12.98 5.28
N ASN A 288 -21.10 -14.27 4.98
CA ASN A 288 -20.15 -14.89 4.06
C ASN A 288 -20.43 -14.47 2.62
N LEU A 289 -21.65 -14.71 2.14
CA LEU A 289 -21.95 -14.37 0.75
C LEU A 289 -21.90 -12.87 0.51
N ILE A 290 -22.00 -12.05 1.57
CA ILE A 290 -21.61 -10.64 1.44
C ILE A 290 -20.19 -10.55 0.89
N LEU A 291 -19.25 -11.15 1.62
CA LEU A 291 -17.88 -11.24 1.14
C LEU A 291 -17.83 -11.79 -0.28
N ALA A 292 -18.62 -12.82 -0.57
CA ALA A 292 -18.64 -13.36 -1.94
C ALA A 292 -18.95 -12.24 -2.94
N VAL A 293 -19.92 -11.39 -2.60
CA VAL A 293 -20.24 -10.26 -3.46
C VAL A 293 -19.01 -9.39 -3.65
N VAL A 294 -18.35 -9.03 -2.54
CA VAL A 294 -17.19 -8.14 -2.65
C VAL A 294 -16.08 -8.80 -3.46
N TYR A 295 -15.91 -10.10 -3.30
CA TYR A 295 -14.93 -10.87 -4.06
C TYR A 295 -15.21 -10.77 -5.55
N ASP A 296 -16.48 -10.92 -5.93
CA ASP A 296 -16.83 -10.86 -7.34
C ASP A 296 -16.63 -9.47 -7.91
N SER A 297 -17.23 -8.46 -7.27
CA SER A 297 -17.08 -7.08 -7.74
C SER A 297 -15.61 -6.71 -7.84
N PHE A 298 -14.83 -7.01 -6.80
CA PHE A 298 -13.41 -6.70 -6.81
C PHE A 298 -12.69 -7.41 -7.95
N LYS A 299 -12.86 -8.72 -8.05
CA LYS A 299 -12.19 -9.47 -9.12
C LYS A 299 -12.49 -8.84 -10.48
N GLU A 300 -13.76 -8.55 -10.74
CA GLU A 300 -14.15 -7.86 -11.96
C GLU A 300 -13.36 -6.57 -12.15
N GLN A 301 -13.47 -5.67 -11.16
CA GLN A 301 -12.83 -4.36 -11.28
C GLN A 301 -11.33 -4.49 -11.49
N LEU A 302 -10.70 -5.50 -10.90
CA LEU A 302 -9.27 -5.72 -11.11
C LEU A 302 -9.00 -6.13 -12.55
N ALA A 303 -9.83 -7.02 -13.10
CA ALA A 303 -9.73 -7.32 -14.52
C ALA A 303 -9.81 -6.05 -15.35
N LYS A 304 -10.82 -5.22 -15.09
CA LYS A 304 -10.96 -3.94 -15.77
C LYS A 304 -9.67 -3.13 -15.68
N GLN A 305 -9.11 -3.04 -14.48
CA GLN A 305 -7.97 -2.17 -14.24
C GLN A 305 -6.72 -2.66 -14.96
N VAL A 306 -6.45 -3.97 -14.88
CA VAL A 306 -5.26 -4.49 -15.54
C VAL A 306 -5.42 -4.48 -17.06
N SER A 307 -6.64 -4.68 -17.56
CA SER A 307 -6.84 -4.60 -19.00
C SER A 307 -6.60 -3.17 -19.50
N GLY A 308 -7.23 -2.19 -18.86
CA GLY A 308 -6.92 -0.80 -19.19
C GLY A 308 -5.43 -0.52 -19.11
N MET A 309 -4.78 -1.03 -18.07
CA MET A 309 -3.33 -0.96 -17.98
C MET A 309 -2.67 -1.52 -19.24
N ASP A 310 -3.23 -2.60 -19.78
CA ASP A 310 -2.64 -3.24 -20.95
C ASP A 310 -2.81 -2.37 -22.19
N GLN A 311 -4.01 -1.79 -22.38
CA GLN A 311 -4.18 -0.87 -23.50
C GLN A 311 -3.22 0.30 -23.36
N MET A 312 -2.99 0.77 -22.13
CA MET A 312 -2.11 1.93 -21.93
C MET A 312 -0.67 1.59 -22.26
N LYS A 313 -0.19 0.43 -21.83
CA LYS A 313 1.17 0.01 -22.18
C LYS A 313 1.31 -0.20 -23.69
N ARG A 314 0.34 -0.91 -24.29
CA ARG A 314 0.37 -1.08 -25.74
C ARG A 314 0.37 0.26 -26.45
N ARG A 315 -0.25 1.29 -25.86
CA ARG A 315 -0.18 2.62 -26.44
C ARG A 315 1.26 3.03 -26.68
N MET A 316 2.11 2.86 -25.65
CA MET A 316 3.53 3.13 -25.82
C MET A 316 4.14 2.25 -26.89
N LEU A 317 3.85 0.93 -26.84
CA LEU A 317 4.47 0.04 -27.82
C LEU A 317 4.16 0.48 -29.26
N GLU A 318 2.87 0.58 -29.59
CA GLU A 318 2.45 1.06 -30.90
C GLU A 318 3.04 2.43 -31.22
N LYS A 319 3.23 3.28 -30.21
CA LYS A 319 3.87 4.56 -30.45
C LYS A 319 5.28 4.37 -30.99
N ALA A 320 6.11 3.60 -30.28
CA ALA A 320 7.46 3.34 -30.73
C ALA A 320 7.49 2.75 -32.13
N PHE A 321 6.75 1.66 -32.33
CA PHE A 321 6.70 1.07 -33.67
C PHE A 321 6.35 2.11 -34.72
N GLY A 322 5.25 2.82 -34.51
CA GLY A 322 4.85 3.85 -35.45
C GLY A 322 5.96 4.81 -35.77
N LEU A 323 6.76 5.17 -34.76
CA LEU A 323 7.94 5.98 -35.02
C LEU A 323 8.88 5.27 -35.99
N ILE A 324 9.14 3.98 -35.77
CA ILE A 324 10.08 3.28 -36.64
C ILE A 324 9.53 3.19 -38.05
N ASP A 325 8.21 3.04 -38.19
CA ASP A 325 7.58 2.83 -39.49
C ASP A 325 7.31 4.20 -40.12
N SER A 326 8.29 4.71 -40.84
CA SER A 326 8.16 6.03 -41.44
C SER A 326 7.19 6.00 -42.62
N ASP A 327 7.20 4.92 -43.40
CA ASP A 327 6.43 4.90 -44.64
C ASP A 327 4.92 4.88 -44.38
N LYS A 328 4.50 4.39 -43.22
CA LYS A 328 3.11 4.30 -42.78
C LYS A 328 2.40 3.06 -43.31
N ASN A 329 3.04 2.23 -44.14
CA ASN A 329 2.38 1.02 -44.61
C ASN A 329 1.88 0.13 -43.47
N GLY A 330 2.45 0.27 -42.27
CA GLY A 330 2.07 -0.56 -41.15
C GLY A 330 3.00 -1.74 -40.88
N GLU A 331 4.13 -1.81 -41.55
CA GLU A 331 5.09 -2.90 -41.36
C GLU A 331 6.49 -2.32 -41.44
N ILE A 332 7.45 -3.06 -40.88
CA ILE A 332 8.83 -2.58 -40.73
C ILE A 332 9.75 -3.52 -41.50
N ASP A 333 10.69 -2.94 -42.26
CA ASP A 333 11.59 -3.72 -43.09
C ASP A 333 12.59 -4.49 -42.24
N LYS A 334 13.13 -5.57 -42.80
CA LYS A 334 14.23 -6.27 -42.14
C LYS A 334 15.35 -5.29 -41.79
N ASN A 335 15.83 -4.54 -42.79
CA ASN A 335 16.87 -3.56 -42.51
C ASN A 335 16.40 -2.53 -41.49
N GLN A 336 15.11 -2.23 -41.46
CA GLN A 336 14.59 -1.25 -40.51
C GLN A 336 14.55 -1.83 -39.10
N CYS A 337 14.18 -3.11 -38.96
CA CYS A 337 14.02 -3.70 -37.64
C CYS A 337 15.35 -4.21 -37.07
N ILE A 338 16.30 -4.56 -37.94
CA ILE A 338 17.60 -5.06 -37.47
C ILE A 338 18.24 -4.05 -36.53
N LYS A 339 18.24 -2.78 -36.92
CA LYS A 339 18.77 -1.73 -36.05
C LYS A 339 18.05 -1.71 -34.72
N LEU A 340 16.72 -1.79 -34.74
CA LEU A 340 15.95 -1.78 -33.50
C LEU A 340 16.39 -2.91 -32.59
N PHE A 341 16.54 -4.12 -33.13
CA PHE A 341 17.07 -5.20 -32.31
C PHE A 341 18.48 -4.87 -31.83
N GLU A 342 19.25 -4.13 -32.62
CA GLU A 342 20.63 -3.86 -32.24
C GLU A 342 20.70 -2.97 -31.02
N GLN A 343 19.89 -1.92 -31.00
CA GLN A 343 19.92 -1.01 -29.86
C GLN A 343 19.13 -1.54 -28.67
N LEU A 344 18.16 -2.42 -28.90
CA LEU A 344 17.53 -3.11 -27.79
C LEU A 344 18.50 -4.08 -27.13
N THR A 345 19.15 -4.92 -27.94
CA THR A 345 20.13 -5.87 -27.43
C THR A 345 21.24 -5.16 -26.69
N ASN A 346 21.79 -4.09 -27.28
CA ASN A 346 22.89 -3.39 -26.63
C ASN A 346 22.41 -2.63 -25.39
N TYR A 347 21.23 -2.02 -25.46
CA TYR A 347 20.84 -1.02 -24.48
C TYR A 347 20.09 -1.59 -23.29
N ARG A 348 19.22 -2.57 -23.49
CA ARG A 348 18.33 -3.04 -22.43
C ARG A 348 18.68 -4.45 -21.97
N THR A 349 18.69 -5.42 -22.87
CA THR A 349 18.74 -6.82 -22.50
C THR A 349 19.74 -7.59 -23.35
N LEU A 350 20.24 -8.69 -22.78
CA LEU A 350 21.24 -9.55 -23.42
C LEU A 350 20.58 -10.66 -24.22
N PRO A 351 20.46 -10.50 -25.53
CA PRO A 351 19.84 -11.57 -26.35
C PRO A 351 20.86 -12.36 -27.16
N LYS A 352 21.41 -11.77 -28.22
CA LYS A 352 22.27 -12.51 -29.12
C LYS A 352 23.21 -11.54 -29.86
N ILE A 353 23.94 -12.08 -30.82
CA ILE A 353 24.94 -11.35 -31.59
C ILE A 353 24.50 -11.32 -33.05
N SER A 354 24.44 -10.13 -33.64
CA SER A 354 24.09 -10.01 -35.04
C SER A 354 25.23 -10.53 -35.92
N LYS A 355 24.87 -11.02 -37.10
CA LYS A 355 25.82 -11.67 -37.99
C LYS A 355 25.35 -11.49 -39.43
N GLU A 356 26.23 -11.85 -40.36
CA GLU A 356 25.78 -12.12 -41.72
C GLU A 356 24.69 -13.19 -41.69
N GLU A 357 24.91 -14.25 -40.90
CA GLU A 357 23.92 -15.28 -40.64
C GLU A 357 22.60 -14.72 -40.12
N PHE A 358 22.58 -13.48 -39.65
CA PHE A 358 21.33 -12.77 -39.48
C PHE A 358 20.40 -13.06 -40.65
N GLY A 359 20.77 -12.60 -41.84
CA GLY A 359 19.96 -12.89 -43.01
C GLY A 359 19.62 -14.37 -43.12
N LEU A 360 20.61 -15.23 -42.88
CA LEU A 360 20.38 -16.66 -42.99
C LEU A 360 19.20 -17.11 -42.14
N ILE A 361 19.12 -16.64 -40.89
CA ILE A 361 18.01 -17.09 -40.06
C ILE A 361 16.68 -16.72 -40.71
N PHE A 362 16.59 -15.51 -41.27
CA PHE A 362 15.37 -15.10 -41.95
C PHE A 362 14.99 -16.10 -43.05
N ASP A 363 15.98 -16.62 -43.78
CA ASP A 363 15.64 -17.53 -44.86
C ASP A 363 15.08 -18.85 -44.32
N GLU A 364 15.54 -19.27 -43.14
CA GLU A 364 15.16 -20.59 -42.65
C GLU A 364 13.71 -20.63 -42.20
N LEU A 365 13.22 -19.55 -41.58
CA LEU A 365 11.89 -19.58 -41.00
C LEU A 365 10.84 -19.91 -42.05
N ASP A 366 10.82 -19.17 -43.17
CA ASP A 366 9.78 -19.30 -44.16
C ASP A 366 10.26 -19.48 -45.59
N ASP A 367 11.57 -19.35 -45.86
CA ASP A 367 12.07 -19.43 -47.22
C ASP A 367 11.32 -18.46 -48.14
N THR A 368 11.01 -17.29 -47.59
CA THR A 368 10.39 -16.20 -48.30
C THR A 368 11.21 -14.94 -48.05
N ARG A 369 11.08 -13.95 -48.94
CA ARG A 369 11.96 -12.76 -48.93
C ARG A 369 11.12 -11.48 -49.03
N ASP A 370 10.47 -11.13 -47.92
CA ASP A 370 9.72 -9.88 -47.78
C ASP A 370 10.22 -9.11 -46.56
N PHE A 371 10.47 -9.81 -45.46
CA PHE A 371 11.01 -9.22 -44.25
C PHE A 371 10.10 -8.08 -43.76
N LYS A 372 8.82 -8.39 -43.59
CA LYS A 372 7.83 -7.43 -43.14
C LYS A 372 7.16 -7.95 -41.88
N ILE A 373 7.29 -7.19 -40.80
CA ILE A 373 6.68 -7.50 -39.51
C ILE A 373 5.69 -6.40 -39.19
N ASN A 374 4.48 -6.79 -38.78
CA ASN A 374 3.40 -5.82 -38.64
C ASN A 374 3.51 -5.03 -37.34
N LYS A 375 2.75 -3.93 -37.29
CA LYS A 375 2.68 -3.13 -36.07
C LYS A 375 2.25 -3.98 -34.88
N ASP A 376 1.16 -4.74 -35.05
CA ASP A 376 0.65 -5.56 -33.96
C ASP A 376 1.59 -6.73 -33.65
N GLU A 377 2.26 -7.26 -34.66
CA GLU A 377 3.19 -8.38 -34.45
C GLU A 377 4.42 -7.93 -33.67
N PHE A 378 4.95 -6.75 -34.00
CA PHE A 378 6.15 -6.26 -33.34
C PHE A 378 5.97 -6.18 -31.83
N ALA A 379 4.79 -5.76 -31.37
CA ALA A 379 4.55 -5.65 -29.94
C ALA A 379 4.68 -7.01 -29.25
N ASP A 380 3.94 -8.00 -29.73
CA ASP A 380 4.07 -9.36 -29.19
C ASP A 380 5.53 -9.80 -29.20
N LEU A 381 6.25 -9.51 -30.28
CA LEU A 381 7.68 -9.81 -30.32
C LEU A 381 8.40 -9.20 -29.12
N CYS A 382 8.18 -7.90 -28.88
CA CYS A 382 8.89 -7.22 -27.80
C CYS A 382 8.55 -7.81 -26.44
N GLN A 383 7.27 -8.11 -26.21
CA GLN A 383 6.90 -8.72 -24.93
C GLN A 383 7.61 -10.07 -24.75
N ALA A 384 7.61 -10.89 -25.81
CA ALA A 384 8.36 -12.14 -25.75
C ALA A 384 9.82 -11.89 -25.40
N ILE A 385 10.42 -10.86 -26.00
CA ILE A 385 11.80 -10.53 -25.68
C ILE A 385 11.92 -10.18 -24.20
N ALA A 386 10.89 -9.53 -23.65
CA ALA A 386 10.88 -9.21 -22.22
C ALA A 386 10.96 -10.47 -21.38
N LEU A 387 10.07 -11.43 -21.63
CA LEU A 387 10.03 -12.59 -20.75
C LEU A 387 11.31 -13.42 -20.88
N ARG A 388 11.74 -13.68 -22.11
CA ARG A 388 12.89 -14.57 -22.35
C ARG A 388 14.19 -13.79 -22.48
N PHE A 389 14.40 -13.16 -23.63
CA PHE A 389 15.67 -12.44 -23.86
C PHE A 389 15.90 -11.34 -22.84
N GLN A 390 14.83 -10.76 -22.29
CA GLN A 390 14.99 -9.61 -21.41
C GLN A 390 15.56 -10.02 -20.05
N LYS A 391 16.22 -9.06 -19.42
CA LYS A 391 17.08 -9.17 -18.25
C LYS A 391 17.84 -7.86 -18.25
N GLU A 392 17.47 -6.92 -17.38
CA GLU A 392 17.87 -5.53 -17.55
C GLU A 392 19.33 -5.37 -17.13
N GLU A 393 20.19 -5.07 -18.11
CA GLU A 393 21.59 -4.82 -17.82
C GLU A 393 21.75 -3.54 -17.00
N VAL A 394 22.78 -3.52 -16.18
CA VAL A 394 23.21 -2.36 -15.38
C VAL A 394 23.14 -1.10 -16.24
N PRO A 395 22.69 0.03 -15.70
CA PRO A 395 23.06 1.33 -16.28
C PRO A 395 24.49 1.65 -15.87
N SER A 396 25.07 2.65 -16.54
CA SER A 396 26.45 3.02 -16.24
C SER A 396 26.58 3.42 -14.77
N LEU A 397 27.81 3.31 -14.26
CA LEU A 397 28.15 3.51 -12.84
C LEU A 397 27.96 2.21 -12.05
N GLN A 403 31.86 7.29 -15.32
CA GLN A 403 32.41 7.38 -13.98
C GLN A 403 33.70 8.23 -13.96
N ILE A 404 34.38 8.32 -15.10
CA ILE A 404 35.64 9.02 -15.19
C ILE A 404 36.66 8.29 -14.32
N TYR A 405 36.66 6.96 -14.38
CA TYR A 405 37.44 6.17 -13.44
C TYR A 405 38.00 4.92 -14.11
N HIS A 406 38.77 4.16 -13.34
CA HIS A 406 39.49 2.99 -13.82
C HIS A 406 38.92 1.77 -13.12
N SER A 407 38.77 0.68 -13.88
CA SER A 407 38.07 -0.49 -13.36
C SER A 407 38.97 -1.39 -12.53
N ALA A 408 40.27 -1.11 -12.46
CA ALA A 408 41.24 -2.08 -11.96
C ALA A 408 41.05 -2.32 -10.46
N LEU A 409 41.22 -1.28 -9.65
CA LEU A 409 41.24 -1.46 -8.19
C LEU A 409 39.93 -2.04 -7.68
N SER A 410 38.80 -1.45 -8.09
CA SER A 410 37.49 -1.99 -7.75
C SER A 410 37.24 -3.35 -8.37
N GLN A 411 37.96 -3.64 -9.45
CA GLN A 411 37.61 -4.76 -10.32
C GLN A 411 37.83 -6.09 -9.62
N GLN A 412 38.92 -6.20 -8.86
CA GLN A 412 39.02 -7.29 -7.92
C GLN A 412 37.68 -7.45 -7.22
N LEU A 413 37.43 -6.61 -6.22
CA LEU A 413 36.23 -6.68 -5.40
C LEU A 413 34.97 -7.11 -6.15
N ARG A 414 34.72 -6.56 -7.34
CA ARG A 414 33.40 -6.74 -7.96
C ARG A 414 33.10 -8.21 -8.24
N ALA A 415 33.97 -8.89 -8.99
CA ALA A 415 33.72 -10.31 -9.28
C ALA A 415 33.60 -11.13 -8.01
N PHE A 416 34.33 -10.75 -6.94
CA PHE A 416 34.25 -11.50 -5.70
C PHE A 416 32.93 -11.29 -4.98
N VAL A 417 32.34 -10.10 -5.11
CA VAL A 417 31.08 -9.82 -4.43
C VAL A 417 29.93 -10.58 -5.08
N ARG A 418 29.89 -10.60 -6.40
CA ARG A 418 28.85 -11.31 -7.13
C ARG A 418 28.94 -12.81 -6.94
N SER A 419 30.02 -13.30 -6.34
CA SER A 419 30.19 -14.73 -6.17
C SER A 419 29.10 -15.29 -5.26
N PRO A 420 28.69 -16.54 -5.49
CA PRO A 420 27.68 -17.15 -4.60
C PRO A 420 28.22 -17.35 -3.19
N ASN A 421 29.52 -17.68 -3.07
CA ASN A 421 30.13 -17.82 -1.75
C ASN A 421 29.94 -16.56 -0.92
N PHE A 422 29.93 -15.39 -1.56
CA PHE A 422 29.69 -14.15 -0.84
C PHE A 422 28.32 -14.17 -0.17
N GLY A 423 27.27 -14.49 -0.94
CA GLY A 423 25.96 -14.63 -0.34
C GLY A 423 25.92 -15.66 0.76
N TYR A 424 26.63 -16.77 0.58
CA TYR A 424 26.76 -17.73 1.68
C TYR A 424 27.37 -17.08 2.91
N ALA A 425 28.37 -16.23 2.71
CA ALA A 425 29.03 -15.57 3.83
C ALA A 425 28.06 -14.67 4.58
N ILE A 426 27.27 -13.87 3.85
CA ILE A 426 26.27 -13.04 4.53
C ILE A 426 25.26 -13.92 5.25
N SER A 427 24.85 -15.03 4.63
CA SER A 427 23.91 -15.94 5.30
C SER A 427 24.47 -16.39 6.64
N PHE A 428 25.72 -16.85 6.65
CA PHE A 428 26.33 -17.34 7.89
C PHE A 428 26.54 -16.22 8.89
N ILE A 429 26.85 -15.01 8.42
CA ILE A 429 27.01 -13.88 9.33
C ILE A 429 25.69 -13.50 9.98
N LEU A 430 24.58 -13.70 9.27
CA LEU A 430 23.27 -13.42 9.87
C LEU A 430 22.82 -14.54 10.79
N ILE A 431 23.23 -15.78 10.51
CA ILE A 431 22.96 -16.87 11.44
C ILE A 431 23.71 -16.64 12.75
N ILE A 432 25.02 -16.35 12.64
CA ILE A 432 25.83 -16.02 13.80
C ILE A 432 25.30 -14.76 14.46
N ASN A 433 24.64 -13.88 13.69
CA ASN A 433 23.99 -12.73 14.30
C ASN A 433 22.76 -13.15 15.09
N PHE A 434 22.01 -14.14 14.58
CA PHE A 434 20.82 -14.58 15.30
C PHE A 434 21.20 -15.19 16.64
N ILE A 435 22.18 -16.11 16.65
CA ILE A 435 22.60 -16.67 17.94
C ILE A 435 23.11 -15.56 18.85
N ALA A 436 23.98 -14.69 18.33
CA ALA A 436 24.45 -13.57 19.15
C ALA A 436 23.30 -12.82 19.81
N VAL A 437 22.28 -12.46 19.03
CA VAL A 437 21.19 -11.64 19.53
C VAL A 437 20.39 -12.41 20.58
N VAL A 438 20.01 -13.65 20.27
CA VAL A 438 19.32 -14.47 21.26
C VAL A 438 20.07 -14.41 22.59
N VAL A 439 21.41 -14.47 22.53
CA VAL A 439 22.19 -14.48 23.76
C VAL A 439 22.07 -13.14 24.49
N GLU A 440 22.26 -12.04 23.77
CA GLU A 440 22.16 -10.72 24.42
C GLU A 440 20.80 -10.57 25.10
N THR A 441 19.72 -10.74 24.34
CA THR A 441 18.38 -10.58 24.91
C THR A 441 18.18 -11.47 26.12
N THR A 442 18.43 -12.78 25.96
CA THR A 442 18.27 -13.68 27.10
C THR A 442 19.08 -13.22 28.30
N LEU A 443 20.20 -12.54 28.06
CA LEU A 443 20.95 -11.98 29.19
C LEU A 443 20.18 -10.83 29.83
N ASP A 444 19.47 -10.03 29.03
CA ASP A 444 18.64 -9.01 29.64
C ASP A 444 17.53 -9.63 30.49
N ILE A 445 16.86 -10.66 29.97
CA ILE A 445 15.81 -11.32 30.76
C ILE A 445 16.42 -11.90 32.03
N GLU A 446 17.64 -12.43 31.94
CA GLU A 446 18.30 -12.96 33.13
C GLU A 446 18.80 -11.83 34.03
N GLU A 447 19.10 -10.68 33.45
CA GLU A 447 19.52 -9.46 34.14
C GLU A 447 21.01 -9.47 34.48
N SER A 448 21.76 -10.48 34.09
CA SER A 448 23.18 -10.49 34.34
C SER A 448 23.85 -9.34 33.58
N SER A 449 24.92 -8.79 34.17
CA SER A 449 25.72 -7.78 33.48
C SER A 449 26.40 -8.34 32.25
N ALA A 450 26.58 -9.67 32.18
CA ALA A 450 27.18 -10.32 31.02
C ALA A 450 26.45 -10.00 29.71
N GLN A 451 25.23 -9.48 29.77
CA GLN A 451 24.55 -9.03 28.56
C GLN A 451 25.31 -7.92 27.85
N LYS A 452 26.14 -7.15 28.59
CA LYS A 452 26.76 -5.98 27.97
C LYS A 452 27.77 -6.37 26.89
N PRO A 453 28.73 -7.29 27.13
CA PRO A 453 29.71 -7.59 26.07
C PRO A 453 29.07 -7.99 24.76
N TRP A 454 28.28 -9.07 24.79
CA TRP A 454 27.60 -9.54 23.59
C TRP A 454 26.86 -8.41 22.88
N GLN A 455 26.18 -7.55 23.64
CA GLN A 455 25.45 -6.45 23.01
C GLN A 455 26.38 -5.55 22.22
N VAL A 456 27.56 -5.22 22.78
CA VAL A 456 28.53 -4.45 22.00
C VAL A 456 28.87 -5.20 20.73
N ALA A 457 29.07 -6.52 20.83
CA ALA A 457 29.30 -7.33 19.65
C ALA A 457 28.19 -7.14 18.63
N GLU A 458 26.95 -7.04 19.09
CA GLU A 458 25.86 -6.80 18.15
C GLU A 458 26.10 -5.54 17.35
N PHE A 459 26.57 -4.47 18.01
CA PHE A 459 26.91 -3.25 17.27
C PHE A 459 27.93 -3.55 16.18
N VAL A 460 28.98 -4.31 16.51
CA VAL A 460 29.94 -4.71 15.48
C VAL A 460 29.22 -5.43 14.35
N PHE A 461 28.27 -6.30 14.70
CA PHE A 461 27.44 -6.92 13.68
C PHE A 461 26.82 -5.87 12.76
N GLY A 462 26.19 -4.86 13.35
CA GLY A 462 25.63 -3.80 12.54
C GLY A 462 26.61 -3.28 11.51
N TRP A 463 27.87 -3.08 11.92
CA TRP A 463 28.86 -2.55 11.00
C TRP A 463 29.03 -3.45 9.79
N ILE A 464 29.10 -4.76 10.02
CA ILE A 464 29.24 -5.70 8.90
C ILE A 464 28.20 -5.28 7.87
N TYR A 465 26.95 -5.11 8.32
CA TYR A 465 25.86 -4.82 7.42
C TYR A 465 26.12 -3.53 6.65
N VAL A 466 26.52 -2.46 7.34
CA VAL A 466 26.82 -1.23 6.61
C VAL A 466 27.85 -1.51 5.52
N LEU A 467 28.92 -2.21 5.89
CA LEU A 467 29.88 -2.65 4.87
C LEU A 467 29.17 -3.35 3.73
N GLU A 468 28.40 -4.39 4.06
CA GLU A 468 27.64 -5.11 3.03
C GLU A 468 26.82 -4.13 2.19
N MET A 469 26.17 -3.16 2.82
CA MET A 469 25.46 -2.15 2.05
C MET A 469 26.41 -1.42 1.12
N ALA A 470 27.47 -0.83 1.70
CA ALA A 470 28.37 0.00 0.91
C ALA A 470 29.05 -0.79 -0.20
N LEU A 471 29.59 -1.97 0.13
CA LEU A 471 30.24 -2.78 -0.89
C LEU A 471 29.23 -3.19 -1.96
N LYS A 472 28.10 -3.77 -1.54
CA LYS A 472 27.10 -4.22 -2.49
C LYS A 472 26.69 -3.10 -3.44
N ILE A 473 26.30 -1.94 -2.90
CA ILE A 473 25.93 -0.82 -3.75
C ILE A 473 27.09 -0.41 -4.64
N TYR A 474 28.31 -0.45 -4.11
CA TYR A 474 29.47 -0.14 -4.95
C TYR A 474 29.67 -1.18 -6.04
N THR A 475 29.29 -2.43 -5.77
CA THR A 475 29.60 -3.51 -6.69
C THR A 475 28.58 -3.64 -7.80
N TYR A 476 27.32 -3.30 -7.54
CA TYR A 476 26.27 -3.40 -8.55
C TYR A 476 25.83 -2.05 -9.11
N GLY A 477 26.17 -0.96 -8.44
CA GLY A 477 25.59 0.33 -8.82
C GLY A 477 24.29 0.58 -8.10
N PHE A 478 23.98 1.87 -7.91
CA PHE A 478 22.82 2.22 -7.10
C PHE A 478 21.52 1.82 -7.77
N GLU A 479 21.45 1.88 -9.10
CA GLU A 479 20.18 1.66 -9.78
C GLU A 479 19.80 0.17 -9.76
N ASN A 480 20.75 -0.71 -10.11
CA ASN A 480 20.53 -2.15 -9.97
C ASN A 480 20.22 -2.50 -8.53
N TYR A 481 21.10 -2.07 -7.61
CA TYR A 481 20.90 -2.37 -6.20
C TYR A 481 19.50 -1.99 -5.76
N TRP A 482 19.03 -0.83 -6.19
CA TRP A 482 17.69 -0.38 -5.83
C TRP A 482 16.62 -1.14 -6.60
N ARG A 483 16.97 -1.76 -7.74
CA ARG A 483 15.97 -2.50 -8.51
C ARG A 483 15.32 -3.59 -7.68
N GLU A 484 16.13 -4.44 -7.04
CA GLU A 484 15.58 -5.49 -6.19
C GLU A 484 15.00 -4.88 -4.93
N GLY A 485 13.83 -5.37 -4.52
CA GLY A 485 13.14 -4.78 -3.38
C GLY A 485 13.87 -5.02 -2.07
N ALA A 486 14.34 -6.25 -1.85
CA ALA A 486 15.08 -6.55 -0.63
C ALA A 486 16.28 -5.63 -0.44
N ASN A 487 16.87 -5.13 -1.53
CA ASN A 487 18.03 -4.26 -1.40
C ASN A 487 17.62 -2.84 -1.04
N ARG A 488 16.50 -2.36 -1.58
CA ARG A 488 15.96 -1.08 -1.11
C ARG A 488 15.68 -1.14 0.39
N PHE A 489 14.91 -2.15 0.81
CA PHE A 489 14.61 -2.30 2.23
C PHE A 489 15.87 -2.36 3.06
N ASP A 490 16.76 -3.31 2.75
CA ASP A 490 18.05 -3.39 3.44
C ASP A 490 18.71 -2.03 3.56
N PHE A 491 18.89 -1.36 2.43
CA PHE A 491 19.48 -0.03 2.43
C PHE A 491 18.87 0.86 3.50
N LEU A 492 17.54 1.00 3.49
CA LEU A 492 16.90 1.91 4.44
C LEU A 492 17.11 1.46 5.88
N VAL A 493 17.00 0.16 6.15
CA VAL A 493 17.22 -0.34 7.51
C VAL A 493 18.64 0.00 7.97
N THR A 494 19.63 -0.43 7.18
CA THR A 494 21.01 -0.06 7.43
C THR A 494 21.12 1.41 7.83
N TRP A 495 20.46 2.29 7.10
CA TRP A 495 20.60 3.71 7.40
C TRP A 495 19.94 4.09 8.72
N VAL A 496 18.81 3.45 9.05
CA VAL A 496 18.27 3.65 10.40
C VAL A 496 19.34 3.28 11.43
N ILE A 497 20.14 2.25 11.13
CA ILE A 497 21.20 1.87 12.05
C ILE A 497 22.26 2.94 12.14
N VAL A 498 22.69 3.48 10.99
CA VAL A 498 23.77 4.46 11.00
C VAL A 498 23.36 5.71 11.76
N ILE A 499 22.20 6.28 11.42
CA ILE A 499 21.73 7.44 12.16
C ILE A 499 21.55 7.10 13.64
N GLY A 500 21.14 5.86 13.92
CA GLY A 500 21.11 5.40 15.30
C GLY A 500 22.47 5.44 15.96
N GLU A 501 23.54 5.22 15.21
CA GLU A 501 24.88 5.19 15.79
C GLU A 501 25.40 6.60 16.05
N THR A 502 25.27 7.48 15.04
CA THR A 502 25.62 8.88 15.25
C THR A 502 24.83 9.46 16.44
N ALA A 503 23.51 9.28 16.44
CA ALA A 503 22.71 9.79 17.53
C ALA A 503 23.11 9.17 18.86
N THR A 504 23.26 7.84 18.88
CA THR A 504 23.52 7.14 20.14
C THR A 504 24.86 7.57 20.75
N PHE A 505 25.88 7.75 19.92
CA PHE A 505 27.20 8.04 20.45
C PHE A 505 27.41 9.53 20.70
N ILE A 506 26.85 10.39 19.83
CA ILE A 506 26.96 11.82 20.08
C ILE A 506 26.10 12.24 21.26
N THR A 507 25.03 11.48 21.55
CA THR A 507 24.00 11.91 22.49
C THR A 507 24.39 11.75 23.96
N PRO A 508 25.16 10.72 24.35
CA PRO A 508 25.37 10.52 25.79
C PRO A 508 25.98 11.72 26.49
N PHE A 514 22.38 -0.27 26.22
CA PHE A 514 21.34 -0.30 27.25
C PHE A 514 20.00 0.11 26.65
N SER A 515 19.06 0.52 27.52
CA SER A 515 17.77 0.97 27.02
C SER A 515 17.93 2.06 25.98
N ASN A 516 18.90 2.96 26.18
CA ASN A 516 19.26 3.91 25.13
C ASN A 516 19.67 3.22 23.85
N GLY A 517 20.30 2.04 23.94
CA GLY A 517 20.77 1.35 22.76
C GLY A 517 20.07 0.04 22.49
N GLU A 518 19.78 -0.72 23.55
CA GLU A 518 19.10 -2.00 23.40
C GLU A 518 17.87 -1.86 22.50
N TRP A 519 16.93 -1.01 22.92
CA TRP A 519 15.70 -0.85 22.16
C TRP A 519 15.98 -0.41 20.72
N ILE A 520 16.94 0.49 20.53
CA ILE A 520 17.13 1.06 19.20
C ILE A 520 17.75 0.05 18.24
N ARG A 521 18.53 -0.91 18.75
CA ARG A 521 19.30 -1.75 17.84
C ARG A 521 18.91 -3.22 17.85
N TYR A 522 18.28 -3.72 18.91
CA TYR A 522 17.87 -5.13 18.89
C TYR A 522 16.74 -5.36 17.91
N LEU A 523 15.86 -4.36 17.73
CA LEU A 523 14.75 -4.50 16.79
C LEU A 523 15.26 -4.76 15.38
N LEU A 524 16.30 -4.04 14.98
CA LEU A 524 16.77 -4.09 13.59
C LEU A 524 17.38 -5.45 13.29
N LEU A 525 17.24 -6.39 14.24
CA LEU A 525 17.52 -7.78 13.92
C LEU A 525 16.65 -8.24 12.75
N ALA A 526 15.58 -7.49 12.44
CA ALA A 526 14.69 -7.87 11.34
C ALA A 526 15.45 -8.01 10.03
N ARG A 527 16.51 -7.22 9.81
CA ARG A 527 17.31 -7.46 8.61
C ARG A 527 17.81 -8.88 8.48
N MET A 528 17.74 -9.68 9.54
CA MET A 528 17.94 -11.12 9.46
C MET A 528 16.68 -11.84 9.00
N LEU A 529 15.62 -11.11 8.65
CA LEU A 529 14.35 -11.74 8.34
C LEU A 529 14.37 -12.41 6.97
N ARG A 530 15.20 -11.93 6.04
CA ARG A 530 15.25 -12.56 4.72
C ARG A 530 15.62 -14.04 4.82
N LEU A 531 16.15 -14.48 5.97
CA LEU A 531 16.44 -15.90 6.14
C LEU A 531 15.21 -16.77 5.95
N ILE A 532 14.01 -16.18 6.01
CA ILE A 532 12.79 -16.96 5.92
C ILE A 532 12.58 -17.48 4.50
N ARG A 533 13.09 -16.77 3.49
CA ARG A 533 13.03 -17.28 2.13
C ARG A 533 13.62 -18.68 2.03
N LEU A 534 14.46 -19.06 2.99
CA LEU A 534 14.97 -20.42 3.09
C LEU A 534 13.83 -21.44 2.99
N LEU A 535 12.70 -21.17 3.65
CA LEU A 535 11.64 -22.16 3.73
C LEU A 535 11.02 -22.45 2.36
N MET A 536 11.13 -21.51 1.42
CA MET A 536 10.59 -21.74 0.09
C MET A 536 11.21 -22.98 -0.55
N ASN A 537 12.38 -23.40 -0.09
CA ASN A 537 12.99 -24.62 -0.60
C ASN A 537 12.18 -25.85 -0.22
N VAL A 538 11.56 -25.83 0.96
CA VAL A 538 10.56 -26.85 1.29
C VAL A 538 9.37 -26.66 0.36
N GLN A 539 8.94 -27.74 -0.29
CA GLN A 539 7.90 -27.61 -1.30
C GLN A 539 6.58 -27.16 -0.68
N ARG A 540 6.25 -27.68 0.50
CA ARG A 540 4.97 -27.35 1.13
C ARG A 540 4.83 -25.84 1.33
N TYR A 541 5.86 -25.22 1.91
CA TYR A 541 5.78 -23.84 2.38
C TYR A 541 6.07 -22.82 1.29
N ARG A 542 6.34 -23.23 0.06
CA ARG A 542 6.72 -22.28 -0.97
C ARG A 542 5.57 -21.35 -1.32
N ALA A 543 4.34 -21.86 -1.37
CA ALA A 543 3.22 -21.01 -1.73
C ALA A 543 2.86 -20.04 -0.61
N PHE A 544 3.07 -20.46 0.64
CA PHE A 544 2.72 -19.63 1.78
C PHE A 544 3.70 -18.47 1.93
N ILE A 545 5.01 -18.78 1.88
CA ILE A 545 6.02 -17.74 2.05
C ILE A 545 6.11 -16.89 0.79
N ALA A 546 6.05 -17.53 -0.39
CA ALA A 546 6.09 -16.76 -1.63
C ALA A 546 4.86 -15.85 -1.73
N THR A 547 3.67 -16.39 -1.47
CA THR A 547 2.47 -15.56 -1.47
C THR A 547 2.54 -14.46 -0.41
N PHE A 548 3.19 -14.75 0.72
CA PHE A 548 3.30 -13.74 1.77
C PHE A 548 4.27 -12.64 1.36
N ILE A 549 5.32 -12.98 0.62
CA ILE A 549 6.33 -11.99 0.25
C ILE A 549 5.85 -11.14 -0.91
N THR A 550 5.26 -11.76 -1.93
CA THR A 550 4.55 -10.97 -2.94
C THR A 550 3.37 -10.23 -2.34
N LEU A 551 2.87 -10.68 -1.18
CA LEU A 551 1.72 -10.05 -0.56
C LEU A 551 2.11 -8.82 0.24
N ILE A 552 3.32 -8.81 0.82
CA ILE A 552 3.72 -7.69 1.68
C ILE A 552 3.68 -6.36 0.92
N PRO A 553 4.20 -6.25 -0.29
CA PRO A 553 4.09 -4.98 -1.02
C PRO A 553 2.71 -4.76 -1.63
N SER A 554 2.16 -5.81 -2.24
CA SER A 554 0.92 -5.64 -3.00
C SER A 554 -0.25 -5.31 -2.09
N LEU A 555 -0.27 -5.87 -0.87
CA LEU A 555 -1.31 -5.51 0.07
C LEU A 555 -1.20 -4.06 0.54
N MET A 556 -0.09 -3.39 0.21
CA MET A 556 0.19 -2.06 0.77
C MET A 556 -0.72 -0.99 0.20
N PRO A 557 -1.03 -1.00 -1.10
CA PRO A 557 -2.00 -0.02 -1.62
C PRO A 557 -3.34 -0.10 -0.91
N TYR A 558 -3.83 -1.31 -0.67
CA TYR A 558 -5.15 -1.45 -0.06
C TYR A 558 -5.09 -1.17 1.43
N LEU A 559 -4.00 -1.52 2.09
CA LEU A 559 -3.83 -1.15 3.50
C LEU A 559 -3.77 0.36 3.66
N GLY A 560 -3.04 1.04 2.77
CA GLY A 560 -3.04 2.50 2.82
C GLY A 560 -4.41 3.08 2.58
N THR A 561 -5.12 2.53 1.58
CA THR A 561 -6.49 2.94 1.35
C THR A 561 -7.32 2.86 2.63
N ILE A 562 -7.29 1.69 3.29
CA ILE A 562 -8.08 1.53 4.51
C ILE A 562 -7.55 2.41 5.64
N PHE A 563 -6.30 2.86 5.55
CA PHE A 563 -5.68 3.68 6.59
C PHE A 563 -6.17 5.14 6.50
N CYS A 564 -6.14 5.71 5.29
CA CYS A 564 -6.67 7.05 5.09
C CYS A 564 -8.10 7.16 5.63
N VAL A 565 -8.94 6.17 5.30
CA VAL A 565 -10.28 6.10 5.83
C VAL A 565 -10.26 6.39 7.32
N LEU A 566 -9.30 5.80 8.03
CA LEU A 566 -9.18 6.04 9.46
C LEU A 566 -8.76 7.48 9.73
N CYS A 567 -7.90 8.06 8.89
CA CYS A 567 -7.52 9.46 9.11
C CYS A 567 -8.74 10.37 9.04
N ILE A 568 -9.54 10.23 7.98
CA ILE A 568 -10.76 11.03 7.85
C ILE A 568 -11.68 10.78 9.04
N TYR A 569 -11.93 9.51 9.34
CA TYR A 569 -12.82 9.19 10.46
C TYR A 569 -12.32 9.80 11.77
N CYS A 570 -11.00 9.92 11.93
CA CYS A 570 -10.48 10.44 13.19
C CYS A 570 -10.58 11.96 13.24
N SER A 571 -10.32 12.64 12.11
CA SER A 571 -10.63 14.06 12.03
C SER A 571 -12.08 14.30 12.43
N ILE A 572 -12.99 13.46 11.94
CA ILE A 572 -14.38 13.54 12.35
C ILE A 572 -14.50 13.39 13.86
N GLY A 573 -13.85 12.36 14.41
CA GLY A 573 -14.02 12.06 15.82
C GLY A 573 -13.56 13.19 16.72
N VAL A 574 -12.35 13.71 16.50
CA VAL A 574 -11.83 14.78 17.34
C VAL A 574 -12.80 15.95 17.37
N GLN A 575 -13.29 16.35 16.19
CA GLN A 575 -14.26 17.44 16.12
C GLN A 575 -15.50 17.13 16.95
N VAL A 576 -16.06 15.93 16.77
CA VAL A 576 -17.39 15.68 17.31
C VAL A 576 -17.38 15.26 18.79
N PHE A 577 -16.25 14.77 19.32
CA PHE A 577 -16.19 14.25 20.68
C PHE A 577 -15.04 14.93 21.43
N GLY A 578 -15.23 16.20 21.79
CA GLY A 578 -14.18 16.92 22.49
C GLY A 578 -14.06 16.52 23.95
N GLY A 579 -15.19 16.36 24.62
CA GLY A 579 -15.19 16.01 26.02
C GLY A 579 -15.02 14.52 26.26
N LEU A 580 -14.77 14.19 27.52
CA LEU A 580 -14.55 12.80 27.92
C LEU A 580 -13.21 12.30 27.39
N GLY A 584 -19.77 16.33 31.22
CA GLY A 584 -20.09 15.15 32.01
C GLY A 584 -18.93 14.21 32.21
N ASN A 585 -17.75 14.66 31.78
CA ASN A 585 -16.53 13.85 31.80
C ASN A 585 -16.41 13.13 33.15
N LYS A 586 -16.87 13.75 34.23
CA LYS A 586 -16.52 13.26 35.57
C LYS A 586 -17.53 12.31 36.18
N LYS A 587 -18.82 12.61 36.05
CA LYS A 587 -19.82 11.61 36.35
C LYS A 587 -20.03 10.70 35.16
N LEU A 588 -20.13 11.30 33.96
CA LEU A 588 -20.47 10.52 32.77
C LEU A 588 -19.33 9.63 32.32
N PHE A 589 -18.08 9.98 32.67
CA PHE A 589 -16.98 9.11 32.27
C PHE A 589 -16.99 7.83 33.09
N GLU A 590 -17.22 7.95 34.39
CA GLU A 590 -17.22 6.77 35.25
C GLU A 590 -18.47 5.93 35.05
N THR A 591 -19.62 6.58 34.82
CA THR A 591 -20.83 5.82 34.50
C THR A 591 -20.73 5.19 33.13
N GLU A 592 -20.24 5.94 32.13
CA GLU A 592 -20.22 5.43 30.76
C GLU A 592 -19.42 4.15 30.68
N LEU A 593 -18.25 4.14 31.31
CA LEU A 593 -17.24 3.13 31.03
C LEU A 593 -16.51 2.78 32.31
N ALA A 594 -16.35 1.47 32.57
CA ALA A 594 -15.51 0.95 33.66
C ALA A 594 -14.27 0.25 33.14
N GLU A 595 -14.41 -1.06 32.91
CA GLU A 595 -13.47 -1.77 32.05
C GLU A 595 -13.33 -1.03 30.73
N ASP A 596 -14.48 -0.64 30.17
CA ASP A 596 -14.48 0.10 28.92
C ASP A 596 -13.80 1.45 29.09
N ASP A 597 -13.98 2.12 30.24
CA ASP A 597 -13.29 3.38 30.44
C ASP A 597 -11.79 3.18 30.42
N TYR A 598 -11.34 2.06 30.97
CA TYR A 598 -10.00 1.59 30.65
C TYR A 598 -9.79 1.56 29.15
N LEU A 599 -10.80 1.10 28.41
CA LEU A 599 -10.74 1.20 26.95
C LEU A 599 -11.05 2.62 26.48
N LEU A 600 -12.11 3.24 27.03
CA LEU A 600 -12.40 4.64 26.72
C LEU A 600 -11.43 5.54 27.47
N PHE A 601 -10.16 5.19 27.41
CA PHE A 601 -9.08 6.05 27.87
C PHE A 601 -8.57 6.94 26.73
N ASN A 602 -9.33 7.03 25.64
CA ASN A 602 -8.84 7.64 24.41
C ASN A 602 -9.97 8.25 23.59
N PHE A 603 -9.58 8.90 22.50
CA PHE A 603 -10.43 9.50 21.46
C PHE A 603 -10.62 11.00 21.69
N ASN A 604 -9.92 11.56 22.68
CA ASN A 604 -9.81 13.01 22.82
C ASN A 604 -8.56 13.56 22.15
N ASP A 605 -7.75 12.70 21.57
CA ASP A 605 -6.49 13.09 20.95
C ASP A 605 -6.37 12.37 19.61
N TYR A 606 -5.72 13.01 18.65
CA TYR A 606 -5.65 12.40 17.32
C TYR A 606 -4.90 11.08 17.34
N PRO A 607 -3.70 10.96 17.90
CA PRO A 607 -3.09 9.63 18.05
C PRO A 607 -3.96 8.66 18.83
N ASN A 608 -4.41 9.07 20.03
CA ASN A 608 -5.42 8.32 20.76
C ASN A 608 -6.52 7.82 19.83
N GLY A 609 -7.07 8.72 19.00
CA GLY A 609 -8.15 8.34 18.12
C GLY A 609 -7.73 7.37 17.03
N MET A 610 -6.46 7.43 16.62
CA MET A 610 -5.97 6.51 15.61
C MET A 610 -5.87 5.09 16.16
N VAL A 611 -5.30 4.94 17.36
CA VAL A 611 -5.20 3.62 17.94
C VAL A 611 -6.59 3.09 18.30
N THR A 612 -7.45 3.94 18.86
CA THR A 612 -8.81 3.51 19.17
C THR A 612 -9.53 3.06 17.89
N LEU A 613 -9.41 3.83 16.82
CA LEU A 613 -9.98 3.42 15.54
C LEU A 613 -9.42 2.07 15.12
N PHE A 614 -8.14 1.82 15.39
CA PHE A 614 -7.59 0.50 15.13
C PHE A 614 -8.33 -0.56 15.92
N ASN A 615 -8.59 -0.31 17.21
CA ASN A 615 -9.32 -1.27 18.01
C ASN A 615 -10.68 -1.57 17.40
N LEU A 616 -11.37 -0.54 16.90
CA LEU A 616 -12.64 -0.78 16.23
C LEU A 616 -12.44 -1.58 14.95
N LEU A 617 -11.36 -1.29 14.21
CA LEU A 617 -11.12 -1.93 12.92
C LEU A 617 -10.86 -3.43 13.09
N VAL A 618 -10.11 -3.81 14.12
CA VAL A 618 -9.96 -5.22 14.43
C VAL A 618 -11.25 -5.78 15.02
N MET A 619 -12.15 -4.91 15.48
CA MET A 619 -13.49 -5.29 15.91
C MET A 619 -13.49 -6.07 17.21
N GLY A 620 -12.48 -5.85 18.05
CA GLY A 620 -12.40 -6.50 19.34
C GLY A 620 -12.97 -5.62 20.44
N ASN A 621 -14.05 -6.09 21.05
CA ASN A 621 -14.75 -5.33 22.09
C ASN A 621 -15.07 -3.93 21.61
N TRP A 622 -15.57 -3.82 20.38
CA TRP A 622 -15.76 -2.52 19.75
C TRP A 622 -16.94 -1.78 20.36
N GLN A 623 -18.03 -2.49 20.66
CA GLN A 623 -19.29 -1.83 21.02
C GLN A 623 -19.16 -0.97 22.28
N VAL A 624 -18.19 -1.25 23.16
CA VAL A 624 -18.05 -0.41 24.35
C VAL A 624 -17.77 1.03 23.94
N TRP A 625 -16.98 1.23 22.88
CA TRP A 625 -16.77 2.57 22.36
C TRP A 625 -18.07 3.17 21.84
N MET A 626 -18.89 2.34 21.19
CA MET A 626 -20.12 2.84 20.59
C MET A 626 -21.16 3.18 21.65
N GLU A 627 -21.43 2.25 22.57
CA GLU A 627 -22.45 2.48 23.57
C GLU A 627 -22.05 3.60 24.52
N SER A 628 -20.84 3.49 25.10
CA SER A 628 -20.37 4.49 26.06
C SER A 628 -20.44 5.90 25.47
N TYR A 629 -19.72 6.13 24.37
CA TYR A 629 -19.80 7.43 23.73
C TYR A 629 -21.24 7.82 23.46
N LYS A 630 -22.10 6.84 23.14
CA LYS A 630 -23.50 7.14 22.89
C LYS A 630 -24.13 7.87 24.07
N ASP A 631 -23.84 7.44 25.31
CA ASP A 631 -24.38 8.13 26.46
C ASP A 631 -23.50 9.30 26.92
N LEU A 632 -22.30 9.46 26.37
CA LEU A 632 -21.54 10.69 26.65
C LEU A 632 -22.17 11.88 25.93
N THR A 633 -22.76 11.64 24.76
CA THR A 633 -23.57 12.62 24.07
C THR A 633 -25.05 12.50 24.45
N GLY A 634 -25.53 11.28 24.68
CA GLY A 634 -26.91 11.05 25.03
C GLY A 634 -27.85 10.79 23.87
N THR A 635 -27.41 11.03 22.64
CA THR A 635 -28.24 10.87 21.46
C THR A 635 -27.80 9.65 20.66
N TRP A 636 -28.77 8.85 20.23
CA TRP A 636 -28.48 7.67 19.42
C TRP A 636 -27.76 8.03 18.12
N TRP A 637 -27.92 9.26 17.64
CA TRP A 637 -27.31 9.63 16.38
C TRP A 637 -25.79 9.50 16.42
N SER A 638 -25.19 9.66 17.60
CA SER A 638 -23.75 9.42 17.71
C SER A 638 -23.37 8.07 17.13
N ILE A 639 -24.15 7.05 17.47
CA ILE A 639 -23.82 5.66 17.09
C ILE A 639 -23.65 5.58 15.58
N THR A 640 -24.22 6.53 14.83
CA THR A 640 -24.10 6.46 13.39
C THR A 640 -22.64 6.43 12.96
N TYR A 641 -21.82 7.31 13.53
CA TYR A 641 -20.38 7.24 13.31
C TYR A 641 -19.94 5.78 13.28
N PHE A 642 -20.23 5.07 14.37
CA PHE A 642 -19.74 3.70 14.54
C PHE A 642 -20.42 2.75 13.56
N VAL A 643 -21.69 2.95 13.27
CA VAL A 643 -22.31 2.14 12.22
C VAL A 643 -21.91 2.62 10.84
N SER A 644 -21.50 3.88 10.70
CA SER A 644 -20.94 4.32 9.43
C SER A 644 -19.56 3.70 9.21
N PHE A 645 -18.78 3.59 10.28
CA PHE A 645 -17.44 3.02 10.18
C PHE A 645 -17.50 1.53 9.88
N TYR A 646 -18.37 0.79 10.58
CA TYR A 646 -18.49 -0.64 10.37
C TYR A 646 -18.73 -0.99 8.90
N VAL A 647 -19.79 -0.43 8.34
CA VAL A 647 -20.19 -0.79 6.98
C VAL A 647 -19.10 -0.43 5.99
N ILE A 648 -18.52 0.77 6.14
CA ILE A 648 -17.59 1.26 5.13
C ILE A 648 -16.29 0.45 5.14
N THR A 649 -15.83 0.06 6.33
CA THR A 649 -14.53 -0.60 6.44
C THR A 649 -14.61 -2.07 6.77
N ILE A 650 -15.56 -2.49 7.62
CA ILE A 650 -15.58 -3.88 8.04
C ILE A 650 -16.32 -4.75 7.02
N LEU A 651 -17.41 -4.24 6.45
CA LEU A 651 -18.17 -4.98 5.46
C LEU A 651 -17.69 -4.75 4.04
N LEU A 652 -16.86 -3.72 3.80
CA LEU A 652 -16.40 -3.40 2.46
C LEU A 652 -14.90 -3.61 2.34
N LEU A 653 -14.08 -2.78 3.00
CA LEU A 653 -12.66 -2.77 2.72
C LEU A 653 -11.98 -4.06 3.19
N LEU A 654 -12.29 -4.52 4.41
CA LEU A 654 -11.63 -5.71 4.93
C LEU A 654 -12.03 -6.95 4.12
N ASN A 655 -13.32 -7.13 3.88
CA ASN A 655 -13.74 -8.18 2.95
C ASN A 655 -12.95 -8.09 1.65
N LEU A 656 -12.78 -6.87 1.13
CA LEU A 656 -11.98 -6.67 -0.06
C LEU A 656 -10.59 -7.26 0.10
N VAL A 657 -9.91 -6.93 1.21
CA VAL A 657 -8.54 -7.40 1.39
C VAL A 657 -8.51 -8.91 1.49
N VAL A 658 -9.53 -9.51 2.11
CA VAL A 658 -9.68 -10.96 2.02
C VAL A 658 -9.62 -11.39 0.56
N ALA A 659 -10.53 -10.87 -0.25
CA ALA A 659 -10.56 -11.23 -1.68
C ALA A 659 -9.17 -11.09 -2.30
N PHE A 660 -8.45 -10.01 -1.95
CA PHE A 660 -7.14 -9.76 -2.54
C PHE A 660 -6.14 -10.82 -2.15
N VAL A 661 -6.13 -11.21 -0.88
CA VAL A 661 -5.15 -12.17 -0.39
C VAL A 661 -5.42 -13.55 -0.99
N LEU A 662 -6.67 -13.99 -0.95
CA LEU A 662 -7.00 -15.27 -1.58
C LEU A 662 -6.65 -15.26 -3.06
N GLU A 663 -6.99 -14.17 -3.75
CA GLU A 663 -6.72 -14.10 -5.19
C GLU A 663 -5.22 -14.16 -5.46
N ALA A 664 -4.43 -13.46 -4.66
CA ALA A 664 -2.97 -13.49 -4.84
C ALA A 664 -2.44 -14.89 -4.62
N PHE A 665 -2.82 -15.51 -3.50
CA PHE A 665 -2.36 -16.88 -3.23
C PHE A 665 -2.71 -17.81 -4.37
N PHE A 666 -3.94 -17.72 -4.88
CA PHE A 666 -4.36 -18.58 -5.99
C PHE A 666 -3.50 -18.33 -7.23
N THR A 667 -3.22 -17.05 -7.54
CA THR A 667 -2.31 -16.75 -8.64
C THR A 667 -0.97 -17.46 -8.44
N GLU A 668 -0.43 -17.40 -7.23
CA GLU A 668 0.80 -18.13 -6.93
C GLU A 668 0.65 -19.61 -7.26
N LEU A 669 -0.41 -20.24 -6.74
CA LEU A 669 -0.67 -21.64 -7.05
C LEU A 669 -0.56 -21.89 -8.55
N ASP A 670 -1.28 -21.12 -9.35
CA ASP A 670 -1.29 -21.37 -10.79
C ASP A 670 0.09 -21.12 -11.40
N LEU A 671 0.87 -20.20 -10.83
CA LEU A 671 2.20 -19.93 -11.36
C LEU A 671 3.12 -21.12 -11.14
N GLU A 672 3.29 -21.54 -9.89
CA GLU A 672 4.13 -22.70 -9.61
C GLU A 672 3.64 -23.91 -10.41
N GLU A 673 2.33 -24.12 -10.46
CA GLU A 673 1.78 -25.18 -11.29
C GLU A 673 2.23 -25.04 -12.74
N GLU A 674 2.32 -23.81 -13.23
CA GLU A 674 2.71 -23.59 -14.62
C GLU A 674 4.19 -23.88 -14.83
N GLU A 675 5.03 -23.65 -13.82
CA GLU A 675 6.47 -23.83 -14.01
C GLU A 675 6.82 -25.29 -14.29
N LYS A 676 6.16 -26.22 -13.62
CA LYS A 676 6.15 -27.62 -14.05
C LYS A 676 5.10 -27.74 -15.14
N CYS A 677 5.54 -27.82 -16.39
CA CYS A 677 4.67 -27.56 -17.53
C CYS A 677 3.37 -28.36 -17.46
N GLN A 678 2.26 -27.67 -17.65
CA GLN A 678 0.92 -28.25 -17.72
C GLN A 678 -0.02 -27.14 -18.20
N GLY A 679 -1.29 -27.50 -18.40
CA GLY A 679 -2.26 -26.56 -18.91
C GLY A 679 -1.73 -25.85 -20.14
N GLN A 680 -1.37 -26.63 -21.16
CA GLN A 680 -0.72 -26.09 -22.33
C GLN A 680 -1.64 -25.13 -23.07
N ASP A 681 -1.13 -23.93 -23.35
CA ASP A 681 -1.90 -22.86 -23.95
C ASP A 681 -1.32 -22.50 -25.31
N SER A 682 -2.18 -22.52 -26.32
CA SER A 682 -1.86 -22.01 -27.64
C SER A 682 -3.04 -21.15 -28.10
N GLN A 683 -2.94 -20.60 -29.30
CA GLN A 683 -4.04 -19.85 -29.88
C GLN A 683 -5.09 -20.84 -30.37
N GLU A 684 -6.02 -21.16 -29.47
CA GLU A 684 -7.16 -22.07 -29.74
C GLU A 684 -6.60 -23.48 -29.85
N LYS A 685 -6.88 -24.23 -30.92
CA LYS A 685 -6.43 -25.61 -30.96
C LYS A 685 -4.92 -25.71 -31.05
N ARG A 686 -4.28 -24.95 -31.94
CA ARG A 686 -2.83 -25.09 -32.14
C ARG A 686 -2.26 -23.77 -32.64
N ASN A 687 -0.93 -23.64 -32.51
CA ASN A 687 -0.20 -22.45 -32.89
C ASN A 687 0.57 -22.71 -34.18
N ARG A 688 0.69 -21.67 -35.00
CA ARG A 688 1.29 -21.78 -36.33
C ARG A 688 2.72 -21.21 -36.31
N ARG A 689 3.58 -21.92 -35.58
CA ARG A 689 4.98 -21.50 -35.49
C ARG A 689 5.77 -21.91 -36.73
N ARG A 690 5.51 -23.11 -37.24
CA ARG A 690 6.08 -23.58 -38.51
C ARG A 690 7.48 -24.18 -38.34
N SER A 691 7.83 -24.60 -37.12
CA SER A 691 9.13 -25.19 -36.80
C SER A 691 10.18 -24.12 -36.49
N ALA A 692 11.22 -24.49 -35.74
CA ALA A 692 12.25 -23.56 -35.32
C ALA A 692 13.34 -23.48 -36.41
N GLY A 693 14.48 -22.87 -36.07
CA GLY A 693 15.59 -22.74 -37.01
C GLY A 693 16.06 -24.04 -37.64
CA CA B . 17.20 7.35 -20.86
CA CA C . 12.40 -26.08 -42.39
CA CA D . -7.15 1.67 24.32
CA CA E . 12.21 -9.92 34.84
CA CA F . 16.08 -3.74 29.56
CA CA G . 8.06 0.26 -43.12
CA CA H . -4.10 24.72 11.04
C1 PLM I . -40.53 -18.39 29.82
O1 PLM I . -40.65 -17.50 30.71
O2 PLM I . -40.83 -19.58 30.07
C2 PLM I . -40.02 -17.99 28.43
C3 PLM I . -40.48 -18.95 27.33
C4 PLM I . -39.78 -18.69 25.99
C5 PLM I . -39.63 -19.97 25.17
C6 PLM I . -38.68 -19.78 23.99
C7 PLM I . -38.72 -20.94 22.99
C8 PLM I . -38.50 -20.49 21.55
C9 PLM I . -37.80 -21.53 20.67
CA PLM I . -37.02 -20.91 19.51
CB PLM I . -37.61 -21.25 18.14
CC PLM I . -37.14 -20.32 17.03
CD PLM I . -38.22 -19.34 16.57
CE PLM I . -38.00 -18.85 15.14
CF PLM I . -38.94 -19.50 14.14
CG PLM I . -39.11 -18.68 12.86
C01 66R J . -32.04 4.09 10.80
C02 66R J . -32.55 4.04 12.10
C03 66R J . -31.70 4.41 13.17
C04 66R J . -30.38 4.81 12.91
C05 66R J . -29.90 4.86 11.61
C06 66R J . -30.72 4.50 10.55
F07 66R J . -32.10 4.39 14.46
N08 66R J . -33.99 3.58 12.28
C09 66R J . -34.64 2.77 11.26
C10 66R J . -36.19 2.81 11.34
N11 66R J . -36.69 2.49 12.57
C12 66R J . -36.10 3.20 13.59
C13 66R J . -34.56 3.18 13.58
C14 66R J . -37.99 2.67 12.63
C15 66R J . -38.80 1.66 11.72
C16 66R J . -39.29 2.06 10.47
C17 66R J . -40.03 1.15 9.68
C18 66R J . -40.26 -0.16 10.12
C19 66R J . -39.77 -0.56 11.36
C20 66R J . -39.03 0.35 12.16
C21 66R J . -39.98 -2.00 11.91
C22 66R J . -40.33 -3.00 10.79
C23 66R J . -41.30 -3.88 10.88
C24 66R J . -42.18 -3.93 12.11
C25 66R J . -42.30 -2.58 12.85
N26 66R J . -40.97 -1.90 13.01
C27 66R J . -42.83 -2.83 14.22
O28 66R J . -43.23 -3.97 14.54
O29 66R J . -42.87 -1.89 15.06
C30 66R J . -41.27 -4.65 9.63
C31 66R J . -40.26 -4.15 8.90
N32 66R J . -39.68 -3.16 9.60
C33 66R J . -39.96 -4.69 7.59
C34 66R J . -40.73 -5.74 7.10
C35 66R J . -41.77 -6.25 7.84
C36 66R J . -42.06 -5.72 9.10
O37 66R J . -39.07 3.38 10.02
C38 66R J . -38.58 3.53 8.70
#